data_4JFY
#
_entry.id   4JFY
#
_cell.length_a   152.260
_cell.length_b   152.260
_cell.length_c   83.551
_cell.angle_alpha   90.000
_cell.angle_beta   90.000
_cell.angle_gamma   120.000
#
_symmetry.space_group_name_H-M   'P 32 2 1'
#
loop_
_entity.id
_entity.type
_entity.pdbx_description
1 polymer 'Fab light chain'
2 polymer 'Fab heavy chain'
3 non-polymer 'TETRAETHYLENE GLYCOL'
4 water water
#
loop_
_entity_poly.entity_id
_entity_poly.type
_entity_poly.pdbx_seq_one_letter_code
_entity_poly.pdbx_strand_id
1 'polypeptide(L)'
;DIVLTQSPATLSLSPGERATLSCMTSTDIDDDMNWYQQKPGQAPRLLISEGNTLRPGVPARFSGSGSGTDFTLTISSLEP
EDFAVYYCLQSFNVPLTFGQGTKVEIKRTVAAPSVFIFPPSDSQLKSGTASVVCLLNNFYPREAKVQWKVDNALQSGNSQ
ESVTEQDSKDSTYSLSSTLTLSKADYEKHKVYACEVTHQGLSSPVTKSFNRGEC
;
A,L
2 'polypeptide(L)'
;EISEVQLVESGGGLVQPGGSLRLSCVTSGFTFRKFGMSWVRQAPGKGLEWVASIVTGGRKTYYSDSVKGRFTISRDNSKN
TLYLQMNSLRAEDTAVYYCTRGYSSTSYAMDYWGQGTLVTVSSASTKGPSVFPLAPSSKSTSGGTAALGCLVKDYFPEPV
TVSWNSGALTSGVHTFPAVLQSSGLYSLSSVVTVPSSSLGTQTYICNVNHKPSNTKVDKKVEPKSCDKSHTATGA
;
B,H
#
loop_
_chem_comp.id
_chem_comp.type
_chem_comp.name
_chem_comp.formula
PG4 non-polymer 'TETRAETHYLENE GLYCOL' 'C8 H18 O5'
#
# COMPACT_ATOMS: atom_id res chain seq x y z
N ASP A 1 -5.69 -16.88 35.25
CA ASP A 1 -6.58 -17.98 34.84
C ASP A 1 -6.58 -18.21 33.33
N ILE A 2 -6.55 -19.50 32.98
CA ILE A 2 -6.57 -20.01 31.60
C ILE A 2 -5.24 -19.70 30.91
N VAL A 3 -4.16 -19.92 31.65
CA VAL A 3 -2.81 -19.78 31.12
C VAL A 3 -2.39 -21.11 30.49
N LEU A 4 -1.80 -21.05 29.31
CA LEU A 4 -1.27 -22.26 28.68
C LEU A 4 0.26 -22.23 28.67
N THR A 5 0.86 -23.25 29.27
CA THR A 5 2.31 -23.35 29.36
C THR A 5 2.80 -24.51 28.49
N GLN A 6 3.48 -24.18 27.41
CA GLN A 6 4.03 -25.21 26.53
C GLN A 6 5.43 -25.61 26.96
N SER A 7 5.79 -26.87 26.70
CA SER A 7 7.07 -27.40 27.09
C SER A 7 7.45 -28.59 26.21
N PRO A 8 8.73 -28.68 25.81
CA PRO A 8 9.77 -27.69 26.13
C PRO A 8 9.76 -26.54 25.13
N ALA A 9 10.62 -25.55 25.35
CA ALA A 9 10.70 -24.40 24.44
C ALA A 9 11.26 -24.84 23.09
N THR A 10 12.20 -25.79 23.13
CA THR A 10 12.78 -26.30 21.90
C THR A 10 13.02 -27.80 21.97
N LEU A 11 12.48 -28.52 21.00
CA LEU A 11 12.74 -29.95 20.89
C LEU A 11 13.82 -30.21 19.85
N SER A 12 14.97 -30.68 20.30
CA SER A 12 16.07 -31.00 19.39
C SER A 12 16.08 -32.48 19.10
N LEU A 13 15.58 -32.84 17.92
CA LEU A 13 15.42 -34.25 17.55
C LEU A 13 15.89 -34.55 16.13
N SER A 14 16.10 -35.83 15.84
CA SER A 14 16.51 -36.27 14.51
C SER A 14 15.33 -36.90 13.77
N PRO A 15 15.36 -36.83 12.43
CA PRO A 15 14.30 -37.44 11.59
C PRO A 15 14.09 -38.92 11.90
N GLY A 16 12.84 -39.32 12.08
CA GLY A 16 12.53 -40.70 12.42
C GLY A 16 12.16 -40.88 13.88
N GLU A 17 12.73 -40.03 14.74
CA GLU A 17 12.45 -40.09 16.17
C GLU A 17 11.02 -39.68 16.52
N ARG A 18 10.67 -39.88 17.78
CA ARG A 18 9.35 -39.57 18.32
C ARG A 18 9.39 -38.24 19.05
N ALA A 19 8.40 -37.39 18.80
CA ALA A 19 8.31 -36.10 19.46
C ALA A 19 7.15 -36.04 20.44
N THR A 20 7.43 -35.58 21.65
CA THR A 20 6.39 -35.39 22.67
C THR A 20 6.38 -33.94 23.11
N LEU A 21 5.25 -33.27 22.88
CA LEU A 21 5.11 -31.85 23.24
C LEU A 21 4.10 -31.69 24.37
N SER A 22 4.41 -30.81 25.32
CA SER A 22 3.54 -30.63 26.47
C SER A 22 2.86 -29.27 26.47
N CYS A 23 1.60 -29.24 26.90
CA CYS A 23 0.88 -27.99 27.07
C CYS A 23 0.02 -28.07 28.32
N MET A 24 0.35 -27.24 29.29
CA MET A 24 -0.33 -27.25 30.59
C MET A 24 -1.26 -26.06 30.76
N THR A 25 -2.47 -26.34 31.24
CA THR A 25 -3.46 -25.29 31.44
C THR A 25 -3.74 -25.09 32.91
N SER A 26 -3.91 -23.84 33.32
CA SER A 26 -4.15 -23.48 34.71
C SER A 26 -5.51 -23.94 35.24
N THR A 27 -6.43 -24.22 34.35
CA THR A 27 -7.78 -24.61 34.74
C THR A 27 -8.29 -25.67 33.78
N ASP A 28 -9.24 -26.48 34.23
CA ASP A 28 -9.88 -27.45 33.36
C ASP A 28 -10.54 -26.70 32.19
N ILE A 29 -10.45 -27.28 31.00
CA ILE A 29 -10.95 -26.64 29.80
C ILE A 29 -11.87 -27.55 29.00
N ASP A 30 -12.46 -28.53 29.68
CA ASP A 30 -13.38 -29.48 29.05
C ASP A 30 -12.80 -30.09 27.78
N ASP A 31 -11.53 -30.47 27.84
CA ASP A 31 -10.85 -31.12 26.72
C ASP A 31 -10.87 -30.32 25.42
N ASP A 32 -11.13 -29.02 25.51
CA ASP A 32 -11.17 -28.17 24.32
C ASP A 32 -9.79 -27.65 23.95
N MET A 33 -8.86 -28.57 23.74
CA MET A 33 -7.49 -28.23 23.41
C MET A 33 -7.28 -28.37 21.90
N ASN A 34 -6.52 -27.45 21.32
CA ASN A 34 -6.22 -27.50 19.89
C ASN A 34 -4.73 -27.34 19.61
N TRP A 35 -4.25 -28.00 18.57
CA TRP A 35 -2.84 -27.93 18.22
C TRP A 35 -2.61 -27.36 16.81
N TYR A 36 -1.61 -26.49 16.70
CA TYR A 36 -1.31 -25.85 15.43
C TYR A 36 0.17 -25.96 15.06
N GLN A 37 0.45 -26.10 13.77
CA GLN A 37 1.82 -26.08 13.27
C GLN A 37 2.03 -24.84 12.40
N GLN A 38 3.21 -24.25 12.47
CA GLN A 38 3.52 -23.10 11.64
C GLN A 38 4.95 -23.13 11.11
N LYS A 39 5.07 -23.02 9.79
CA LYS A 39 6.36 -22.97 9.14
C LYS A 39 6.62 -21.51 8.74
N PRO A 40 7.90 -21.12 8.65
CA PRO A 40 8.26 -19.71 8.40
C PRO A 40 7.56 -19.12 7.18
N GLY A 41 6.98 -17.94 7.34
CA GLY A 41 6.33 -17.24 6.24
C GLY A 41 5.00 -17.86 5.82
N GLN A 42 4.39 -18.63 6.71
CA GLN A 42 3.11 -19.26 6.40
C GLN A 42 2.13 -19.05 7.54
N ALA A 43 0.84 -19.16 7.23
CA ALA A 43 -0.18 -19.14 8.26
C ALA A 43 -0.10 -20.46 9.01
N PRO A 44 -0.54 -20.47 10.28
CA PRO A 44 -0.52 -21.71 11.06
C PRO A 44 -1.43 -22.77 10.43
N ARG A 45 -1.17 -24.01 10.78
CA ARG A 45 -1.91 -25.14 10.22
C ARG A 45 -2.47 -26.00 11.35
N LEU A 46 -3.80 -26.09 11.39
CA LEU A 46 -4.47 -26.85 12.45
C LEU A 46 -4.21 -28.35 12.29
N LEU A 47 -3.71 -28.97 13.35
CA LEU A 47 -3.42 -30.41 13.31
C LEU A 47 -4.47 -31.19 14.10
N ILE A 48 -4.75 -30.73 15.32
CA ILE A 48 -5.68 -31.41 16.21
C ILE A 48 -6.66 -30.43 16.82
N SER A 49 -7.92 -30.82 16.87
CA SER A 49 -8.98 -29.97 17.42
C SER A 49 -9.54 -30.56 18.69
N GLU A 50 -10.54 -29.89 19.27
CA GLU A 50 -11.15 -30.28 20.54
C GLU A 50 -11.44 -31.77 20.64
N GLY A 51 -11.21 -32.33 21.82
CA GLY A 51 -11.44 -33.74 22.07
C GLY A 51 -10.38 -34.63 21.46
N ASN A 52 -9.20 -34.06 21.21
CA ASN A 52 -8.08 -34.81 20.64
C ASN A 52 -8.43 -35.44 19.30
N THR A 53 -9.00 -34.64 18.40
CA THR A 53 -9.46 -35.11 17.10
C THR A 53 -8.44 -34.79 15.99
N LEU A 54 -8.05 -35.81 15.24
CA LEU A 54 -7.13 -35.62 14.11
C LEU A 54 -7.85 -34.95 12.94
N ARG A 55 -7.31 -33.83 12.49
CA ARG A 55 -7.89 -33.09 11.38
C ARG A 55 -7.74 -33.88 10.07
N PRO A 56 -8.70 -33.71 9.14
CA PRO A 56 -8.58 -34.42 7.87
C PRO A 56 -7.36 -33.92 7.08
N GLY A 57 -6.64 -34.84 6.45
CA GLY A 57 -5.47 -34.48 5.67
C GLY A 57 -4.18 -34.47 6.45
N VAL A 58 -4.26 -34.65 7.76
CA VAL A 58 -3.07 -34.70 8.60
C VAL A 58 -2.67 -36.15 8.86
N PRO A 59 -1.39 -36.48 8.61
CA PRO A 59 -0.82 -37.83 8.76
C PRO A 59 -1.06 -38.46 10.13
N ALA A 60 -1.04 -39.79 10.18
CA ALA A 60 -1.40 -40.52 11.38
C ALA A 60 -0.34 -40.44 12.47
N ARG A 61 0.88 -40.06 12.08
CA ARG A 61 1.96 -39.95 13.06
C ARG A 61 1.65 -38.85 14.09
N PHE A 62 0.79 -37.91 13.69
CA PHE A 62 0.30 -36.88 14.62
C PHE A 62 -0.85 -37.44 15.44
N SER A 63 -0.78 -37.24 16.77
CA SER A 63 -1.85 -37.67 17.66
C SER A 63 -1.87 -36.79 18.91
N GLY A 64 -3.07 -36.60 19.47
CA GLY A 64 -3.22 -35.76 20.64
C GLY A 64 -3.83 -36.50 21.82
N SER A 65 -3.22 -36.34 22.99
CA SER A 65 -3.73 -36.97 24.19
C SER A 65 -3.76 -35.99 25.36
N GLY A 66 -4.36 -36.42 26.45
CA GLY A 66 -4.41 -35.61 27.66
C GLY A 66 -5.82 -35.44 28.20
N SER A 67 -5.90 -34.93 29.43
CA SER A 67 -7.18 -34.66 30.06
C SER A 67 -7.03 -33.58 31.13
N GLY A 68 -8.16 -32.95 31.47
CA GLY A 68 -8.17 -31.94 32.51
C GLY A 68 -7.31 -30.73 32.19
N THR A 69 -6.12 -30.71 32.77
CA THR A 69 -5.19 -29.60 32.62
C THR A 69 -3.91 -30.03 31.93
N ASP A 70 -3.80 -31.33 31.67
CA ASP A 70 -2.58 -31.88 31.08
C ASP A 70 -2.87 -32.39 29.69
N PHE A 71 -2.16 -31.86 28.71
CA PHE A 71 -2.36 -32.26 27.32
C PHE A 71 -1.04 -32.46 26.59
N THR A 72 -1.01 -33.43 25.69
CA THR A 72 0.19 -33.78 24.97
C THR A 72 -0.07 -33.91 23.48
N LEU A 73 0.89 -33.44 22.68
CA LEU A 73 0.91 -33.68 21.25
C LEU A 73 2.06 -34.61 20.94
N THR A 74 1.78 -35.72 20.29
CA THR A 74 2.82 -36.69 19.98
C THR A 74 2.99 -36.89 18.48
N ILE A 75 4.22 -36.71 18.00
CA ILE A 75 4.57 -37.04 16.63
C ILE A 75 5.34 -38.35 16.69
N SER A 76 4.72 -39.43 16.21
CA SER A 76 5.28 -40.77 16.40
C SER A 76 6.64 -40.95 15.71
N SER A 77 6.74 -40.51 14.45
CA SER A 77 8.01 -40.59 13.74
C SER A 77 8.26 -39.32 12.92
N LEU A 78 9.25 -38.54 13.35
CA LEU A 78 9.55 -37.25 12.72
C LEU A 78 10.00 -37.35 11.27
N GLU A 79 9.41 -36.49 10.44
CA GLU A 79 9.82 -36.33 9.06
C GLU A 79 10.53 -34.97 8.94
N PRO A 80 11.32 -34.76 7.88
CA PRO A 80 11.96 -33.45 7.69
C PRO A 80 10.96 -32.30 7.53
N GLU A 81 9.73 -32.62 7.10
CA GLU A 81 8.69 -31.61 6.93
C GLU A 81 8.05 -31.22 8.26
N ASP A 82 8.29 -32.01 9.30
CA ASP A 82 7.62 -31.84 10.58
C ASP A 82 8.35 -30.91 11.53
N PHE A 83 9.60 -30.59 11.22
CA PHE A 83 10.35 -29.68 12.07
C PHE A 83 9.85 -28.25 11.87
N ALA A 84 9.21 -27.71 12.89
CA ALA A 84 8.57 -26.40 12.81
C ALA A 84 8.18 -25.94 14.21
N VAL A 85 7.39 -24.88 14.28
CA VAL A 85 6.90 -24.39 15.55
C VAL A 85 5.47 -24.86 15.77
N TYR A 86 5.16 -25.27 17.01
CA TYR A 86 3.85 -25.80 17.35
C TYR A 86 3.18 -25.06 18.50
N TYR A 87 1.97 -24.58 18.25
CA TYR A 87 1.22 -23.83 19.26
C TYR A 87 0.02 -24.63 19.72
N CYS A 88 -0.31 -24.53 21.01
CA CYS A 88 -1.55 -25.09 21.50
C CYS A 88 -2.57 -23.96 21.74
N LEU A 89 -3.84 -24.32 21.75
CA LEU A 89 -4.89 -23.32 21.94
C LEU A 89 -6.09 -23.92 22.66
N GLN A 90 -6.57 -23.21 23.67
CA GLN A 90 -7.78 -23.62 24.36
C GLN A 90 -8.96 -22.87 23.76
N SER A 91 -10.09 -23.55 23.64
CA SER A 91 -11.29 -22.96 23.07
C SER A 91 -12.49 -23.19 23.99
N PHE A 92 -12.22 -23.24 25.29
CA PHE A 92 -13.26 -23.48 26.28
C PHE A 92 -13.97 -22.20 26.69
N ASN A 93 -13.26 -21.08 26.70
CA ASN A 93 -13.80 -19.82 27.18
C ASN A 93 -12.97 -18.60 26.77
N VAL A 94 -13.63 -17.45 26.67
CA VAL A 94 -12.93 -16.20 26.42
C VAL A 94 -12.30 -15.67 27.70
N PRO A 95 -11.12 -15.06 27.60
CA PRO A 95 -10.36 -14.84 26.36
C PRO A 95 -9.68 -16.10 25.85
N LEU A 96 -9.82 -16.36 24.55
CA LEU A 96 -9.12 -17.46 23.91
C LEU A 96 -7.62 -17.21 24.04
N THR A 97 -6.91 -18.23 24.50
CA THR A 97 -5.50 -18.07 24.79
C THR A 97 -4.63 -19.15 24.12
N PHE A 98 -3.48 -18.73 23.61
CA PHE A 98 -2.56 -19.63 22.93
C PHE A 98 -1.41 -20.01 23.86
N GLY A 99 -0.78 -21.15 23.60
CA GLY A 99 0.47 -21.47 24.26
C GLY A 99 1.57 -20.64 23.64
N GLN A 100 2.75 -20.61 24.26
CA GLN A 100 3.83 -19.77 23.76
C GLN A 100 4.61 -20.42 22.61
N GLY A 101 4.29 -21.68 22.32
CA GLY A 101 4.89 -22.35 21.17
C GLY A 101 6.11 -23.19 21.50
N THR A 102 6.24 -24.31 20.81
CA THR A 102 7.44 -25.15 20.90
C THR A 102 8.06 -25.33 19.53
N LYS A 103 9.36 -25.02 19.41
CA LYS A 103 10.09 -25.23 18.17
C LYS A 103 10.75 -26.60 18.17
N VAL A 104 10.41 -27.42 17.18
CA VAL A 104 11.04 -28.72 17.02
C VAL A 104 12.13 -28.61 15.96
N GLU A 105 13.39 -28.54 16.40
CA GLU A 105 14.51 -28.36 15.49
C GLU A 105 15.22 -29.68 15.19
N ILE A 106 16.09 -29.67 14.17
CA ILE A 106 16.87 -30.85 13.81
C ILE A 106 18.13 -30.96 14.67
N LYS A 107 18.32 -32.12 15.27
CA LYS A 107 19.53 -32.38 16.04
C LYS A 107 20.57 -32.90 15.06
N ARG A 108 21.74 -32.29 15.08
CA ARG A 108 22.84 -32.73 14.21
C ARG A 108 24.15 -32.64 14.98
N THR A 109 25.26 -33.03 14.36
CA THR A 109 26.53 -32.96 15.03
C THR A 109 26.93 -31.50 15.24
N VAL A 110 27.59 -31.22 16.35
CA VAL A 110 28.07 -29.88 16.66
C VAL A 110 28.99 -29.34 15.55
N ALA A 111 28.79 -28.09 15.17
CA ALA A 111 29.61 -27.44 14.16
C ALA A 111 29.94 -26.04 14.61
N ALA A 112 31.24 -25.75 14.75
CA ALA A 112 31.68 -24.42 15.16
C ALA A 112 31.39 -23.41 14.04
N PRO A 113 31.17 -22.14 14.43
CA PRO A 113 30.90 -21.10 13.42
C PRO A 113 32.17 -20.58 12.79
N SER A 114 32.11 -20.25 11.51
CA SER A 114 33.20 -19.51 10.89
C SER A 114 32.96 -18.04 11.21
N VAL A 115 34.00 -17.38 11.70
CA VAL A 115 33.84 -16.00 12.17
C VAL A 115 34.49 -15.01 11.22
N PHE A 116 33.72 -14.00 10.82
CA PHE A 116 34.19 -12.97 9.91
C PHE A 116 33.91 -11.59 10.48
N ILE A 117 34.75 -10.62 10.13
CA ILE A 117 34.54 -9.25 10.57
C ILE A 117 34.52 -8.28 9.38
N PHE A 118 33.63 -7.31 9.44
CA PHE A 118 33.46 -6.38 8.32
C PHE A 118 33.49 -4.93 8.80
N PRO A 119 34.56 -4.22 8.45
CA PRO A 119 34.66 -2.79 8.77
C PRO A 119 33.58 -2.02 8.03
N PRO A 120 33.33 -0.77 8.43
CA PRO A 120 32.33 0.01 7.68
C PRO A 120 32.85 0.28 6.27
N SER A 121 31.95 0.33 5.30
CA SER A 121 32.35 0.63 3.95
C SER A 121 32.78 2.10 3.87
N ASP A 122 33.69 2.39 2.95
CA ASP A 122 34.07 3.78 2.68
C ASP A 122 32.82 4.57 2.32
N SER A 123 31.87 3.89 1.68
CA SER A 123 30.58 4.47 1.34
C SER A 123 29.79 4.89 2.59
N GLN A 124 29.62 3.96 3.53
CA GLN A 124 28.83 4.21 4.73
C GLN A 124 29.41 5.28 5.64
N LEU A 125 30.74 5.29 5.76
CA LEU A 125 31.43 6.27 6.56
C LEU A 125 31.10 7.69 6.09
N LYS A 126 30.98 7.84 4.77
CA LYS A 126 30.64 9.13 4.18
C LYS A 126 29.26 9.64 4.65
N SER A 127 28.41 8.73 5.13
CA SER A 127 27.05 9.09 5.54
C SER A 127 26.97 9.62 6.98
N GLY A 128 28.02 9.38 7.75
CA GLY A 128 28.09 9.92 9.10
C GLY A 128 27.96 8.86 10.19
N THR A 129 27.56 7.66 9.79
CA THR A 129 27.47 6.56 10.73
C THR A 129 28.43 5.44 10.33
N ALA A 130 28.80 4.60 11.29
CA ALA A 130 29.71 3.49 11.05
C ALA A 130 29.15 2.21 11.65
N SER A 131 29.04 1.18 10.83
CA SER A 131 28.59 -0.12 11.32
C SER A 131 29.68 -1.16 11.12
N VAL A 132 29.99 -1.89 12.20
CA VAL A 132 30.94 -3.00 12.11
C VAL A 132 30.15 -4.30 12.24
N VAL A 133 30.28 -5.18 11.27
CA VAL A 133 29.50 -6.41 11.25
C VAL A 133 30.33 -7.65 11.59
N CYS A 134 29.86 -8.41 12.57
CA CYS A 134 30.48 -9.67 12.93
C CYS A 134 29.60 -10.73 12.34
N LEU A 135 30.18 -11.74 11.73
CA LEU A 135 29.41 -12.82 11.13
C LEU A 135 29.85 -14.18 11.66
N LEU A 136 28.88 -14.92 12.20
CA LEU A 136 29.10 -16.28 12.69
C LEU A 136 28.31 -17.20 11.78
N ASN A 137 29.01 -18.01 10.99
CA ASN A 137 28.36 -18.75 9.90
C ASN A 137 28.29 -20.27 10.04
N ASN A 138 27.07 -20.80 9.89
CA ASN A 138 26.85 -22.24 9.78
C ASN A 138 27.28 -23.03 11.00
N PHE A 139 26.62 -22.78 12.13
CA PHE A 139 26.99 -23.46 13.37
C PHE A 139 25.83 -24.21 14.02
N TYR A 140 26.20 -25.09 14.95
CA TYR A 140 25.23 -25.82 15.77
C TYR A 140 25.94 -26.27 17.04
N PRO A 141 25.27 -26.13 18.20
CA PRO A 141 23.88 -25.69 18.40
C PRO A 141 23.70 -24.18 18.30
N ARG A 142 22.47 -23.71 18.55
CA ARG A 142 22.10 -22.32 18.32
C ARG A 142 22.80 -21.32 19.24
N GLU A 143 23.10 -21.74 20.47
CA GLU A 143 23.66 -20.83 21.48
C GLU A 143 25.04 -20.29 21.09
N ALA A 144 25.18 -18.97 21.15
CA ALA A 144 26.45 -18.33 20.84
C ALA A 144 26.54 -16.98 21.54
N LYS A 145 27.75 -16.60 21.93
CA LYS A 145 27.95 -15.32 22.61
C LYS A 145 28.91 -14.43 21.81
N VAL A 146 28.53 -13.18 21.62
CA VAL A 146 29.39 -12.21 20.96
C VAL A 146 29.65 -10.99 21.82
N GLN A 147 30.94 -10.64 21.98
CA GLN A 147 31.32 -9.42 22.68
C GLN A 147 32.25 -8.57 21.84
N TRP A 148 31.98 -7.27 21.81
CA TRP A 148 32.77 -6.34 21.03
C TRP A 148 33.82 -5.65 21.88
N LYS A 149 35.03 -5.59 21.36
CA LYS A 149 36.11 -4.84 22.02
C LYS A 149 36.72 -3.82 21.08
N VAL A 150 36.60 -2.55 21.45
CA VAL A 150 37.19 -1.46 20.69
C VAL A 150 38.42 -0.93 21.43
N ASP A 151 39.58 -1.12 20.82
CA ASP A 151 40.87 -0.88 21.49
C ASP A 151 40.92 -1.61 22.83
N ASN A 152 40.57 -2.90 22.79
CA ASN A 152 40.58 -3.79 23.95
C ASN A 152 39.48 -3.47 24.98
N ALA A 153 38.82 -2.33 24.81
CA ALA A 153 37.75 -1.93 25.72
C ALA A 153 36.42 -2.58 25.33
N LEU A 154 35.82 -3.28 26.29
CA LEU A 154 34.57 -3.99 26.05
C LEU A 154 33.39 -3.05 25.80
N GLN A 155 32.58 -3.37 24.79
CA GLN A 155 31.41 -2.56 24.48
C GLN A 155 30.15 -3.27 24.97
N SER A 156 29.19 -2.48 25.44
CA SER A 156 27.91 -3.03 25.86
C SER A 156 26.75 -2.08 25.53
N GLY A 157 25.64 -2.66 25.09
CA GLY A 157 24.44 -1.90 24.83
C GLY A 157 24.45 -1.11 23.54
N ASN A 158 25.45 -1.33 22.72
CA ASN A 158 25.56 -0.63 21.44
C ASN A 158 25.66 -1.59 20.26
N SER A 159 25.22 -2.83 20.48
CA SER A 159 25.23 -3.84 19.43
C SER A 159 23.86 -4.48 19.30
N GLN A 160 23.60 -5.07 18.13
CA GLN A 160 22.33 -5.70 17.87
C GLN A 160 22.58 -7.01 17.14
N GLU A 161 21.85 -8.06 17.52
CA GLU A 161 22.04 -9.37 16.93
C GLU A 161 20.84 -9.86 16.15
N SER A 162 21.10 -10.73 15.18
CA SER A 162 20.06 -11.38 14.40
C SER A 162 20.48 -12.80 14.07
N VAL A 163 19.51 -13.72 14.06
CA VAL A 163 19.81 -15.13 13.81
C VAL A 163 18.87 -15.69 12.74
N THR A 164 19.44 -16.42 11.78
CA THR A 164 18.64 -17.03 10.72
C THR A 164 17.87 -18.22 11.25
N GLU A 165 16.82 -18.61 10.54
CA GLU A 165 16.12 -19.85 10.84
C GLU A 165 17.09 -20.99 10.59
N GLN A 166 16.78 -22.16 11.13
CA GLN A 166 17.66 -23.31 10.92
C GLN A 166 17.70 -23.66 9.44
N ASP A 167 18.92 -23.76 8.91
CA ASP A 167 19.12 -24.01 7.49
C ASP A 167 18.44 -25.32 7.07
N SER A 168 17.80 -25.29 5.93
CA SER A 168 17.07 -26.46 5.44
C SER A 168 18.01 -27.47 4.83
N LYS A 169 19.13 -26.98 4.30
CA LYS A 169 20.10 -27.84 3.62
C LYS A 169 21.03 -28.53 4.60
N ASP A 170 21.55 -27.80 5.58
CA ASP A 170 22.57 -28.35 6.47
C ASP A 170 22.21 -28.26 7.96
N SER A 171 21.02 -27.73 8.26
CA SER A 171 20.51 -27.68 9.62
C SER A 171 21.40 -26.88 10.58
N THR A 172 22.12 -25.90 10.04
CA THR A 172 22.94 -25.03 10.86
C THR A 172 22.29 -23.65 11.04
N TYR A 173 22.85 -22.87 11.96
CA TYR A 173 22.40 -21.51 12.19
C TYR A 173 23.49 -20.51 11.82
N SER A 174 23.09 -19.30 11.44
CA SER A 174 24.07 -18.22 11.30
C SER A 174 23.62 -17.00 12.12
N LEU A 175 24.58 -16.17 12.52
CA LEU A 175 24.28 -15.03 13.39
C LEU A 175 25.03 -13.79 12.93
N SER A 176 24.40 -12.62 13.10
CA SER A 176 25.05 -11.36 12.82
C SER A 176 25.06 -10.46 14.05
N SER A 177 26.19 -9.83 14.33
CA SER A 177 26.29 -8.87 15.43
C SER A 177 26.80 -7.54 14.88
N THR A 178 26.00 -6.48 15.04
CA THR A 178 26.33 -5.21 14.42
C THR A 178 26.63 -4.12 15.45
N LEU A 179 27.87 -3.63 15.42
CA LEU A 179 28.29 -2.54 16.30
C LEU A 179 28.08 -1.20 15.62
N THR A 180 27.34 -0.32 16.28
CA THR A 180 27.03 0.98 15.69
C THR A 180 27.76 2.13 16.39
N LEU A 181 28.66 2.78 15.65
CA LEU A 181 29.39 3.93 16.15
C LEU A 181 29.21 5.11 15.20
N SER A 182 29.36 6.32 15.72
CA SER A 182 29.38 7.50 14.86
C SER A 182 30.66 7.49 14.03
N LYS A 183 30.61 8.17 12.88
CA LYS A 183 31.79 8.34 12.03
C LYS A 183 33.00 8.85 12.83
N ALA A 184 32.76 9.86 13.67
CA ALA A 184 33.80 10.45 14.49
C ALA A 184 34.40 9.44 15.48
N ASP A 185 33.53 8.75 16.21
CA ASP A 185 33.95 7.73 17.17
C ASP A 185 34.76 6.62 16.51
N TYR A 186 34.31 6.19 15.33
CA TYR A 186 35.01 5.14 14.60
C TYR A 186 36.47 5.49 14.31
N GLU A 187 36.72 6.76 13.96
CA GLU A 187 38.07 7.21 13.64
C GLU A 187 38.87 7.69 14.85
N LYS A 188 38.25 7.66 16.03
CA LYS A 188 38.93 7.98 17.27
C LYS A 188 39.44 6.72 17.98
N HIS A 189 39.33 5.58 17.30
CA HIS A 189 39.74 4.31 17.87
C HIS A 189 40.52 3.49 16.83
N LYS A 190 41.38 2.59 17.30
CA LYS A 190 42.27 1.85 16.40
C LYS A 190 41.82 0.42 16.12
N VAL A 191 41.68 -0.37 17.16
CA VAL A 191 41.43 -1.80 17.01
C VAL A 191 39.98 -2.17 17.29
N TYR A 192 39.36 -2.84 16.32
CA TYR A 192 37.98 -3.31 16.48
C TYR A 192 37.96 -4.83 16.42
N ALA A 193 37.37 -5.44 17.44
CA ALA A 193 37.38 -6.89 17.54
C ALA A 193 36.11 -7.45 18.17
N CYS A 194 35.66 -8.60 17.68
CA CYS A 194 34.54 -9.30 18.27
C CYS A 194 34.98 -10.68 18.76
N GLU A 195 34.54 -11.05 19.96
CA GLU A 195 34.92 -12.34 20.54
C GLU A 195 33.75 -13.28 20.54
N VAL A 196 33.95 -14.49 20.02
CA VAL A 196 32.89 -15.45 19.86
C VAL A 196 33.06 -16.65 20.78
N THR A 197 31.98 -17.04 21.46
CA THR A 197 32.02 -18.20 22.34
C THR A 197 30.96 -19.20 21.89
N HIS A 198 31.38 -20.46 21.74
CA HIS A 198 30.50 -21.50 21.23
C HIS A 198 31.04 -22.90 21.55
N GLN A 199 30.10 -23.85 21.67
CA GLN A 199 30.40 -25.24 21.94
C GLN A 199 31.50 -25.85 21.07
N GLY A 200 31.46 -25.56 19.77
CA GLY A 200 32.42 -26.12 18.85
C GLY A 200 33.80 -25.47 18.94
N LEU A 201 33.90 -24.42 19.75
CA LEU A 201 35.17 -23.71 19.93
C LEU A 201 35.81 -24.09 21.25
N SER A 202 36.98 -24.72 21.17
CA SER A 202 37.75 -25.06 22.36
C SER A 202 38.15 -23.81 23.13
N SER A 203 38.26 -22.70 22.41
CA SER A 203 38.69 -21.43 22.98
C SER A 203 37.97 -20.33 22.22
N PRO A 204 37.69 -19.20 22.90
CA PRO A 204 37.02 -18.08 22.22
C PRO A 204 37.82 -17.60 21.03
N VAL A 205 37.12 -17.35 19.92
CA VAL A 205 37.79 -16.95 18.69
C VAL A 205 37.57 -15.45 18.45
N THR A 206 38.66 -14.74 18.22
CA THR A 206 38.58 -13.30 18.00
C THR A 206 39.09 -12.92 16.62
N LYS A 207 38.25 -12.18 15.89
CA LYS A 207 38.66 -11.64 14.60
C LYS A 207 38.67 -10.12 14.69
N SER A 208 39.74 -9.50 14.20
CA SER A 208 39.93 -8.07 14.37
C SER A 208 40.50 -7.42 13.12
N PHE A 209 40.54 -6.09 13.12
CA PHE A 209 41.15 -5.34 12.04
C PHE A 209 41.63 -3.97 12.51
N ASN A 210 42.45 -3.32 11.68
CA ASN A 210 42.94 -1.99 11.99
C ASN A 210 42.47 -1.00 10.94
N ARG A 211 43.38 -0.61 10.04
CA ARG A 211 43.10 0.33 8.96
C ARG A 211 44.08 0.16 7.81
N GLU B 4 -13.47 -23.85 -3.84
CA GLU B 4 -12.17 -23.70 -3.19
C GLU B 4 -12.21 -22.63 -2.11
N VAL B 5 -11.76 -22.98 -0.90
CA VAL B 5 -11.82 -22.06 0.24
C VAL B 5 -10.81 -20.92 0.10
N GLN B 6 -11.26 -19.69 0.38
CA GLN B 6 -10.39 -18.51 0.31
C GLN B 6 -10.74 -17.48 1.38
N LEU B 7 -9.73 -16.99 2.10
CA LEU B 7 -9.94 -15.87 3.03
C LEU B 7 -9.00 -14.73 2.63
N VAL B 8 -9.51 -13.83 1.80
CA VAL B 8 -8.69 -12.77 1.21
C VAL B 8 -8.72 -11.52 2.07
N GLU B 9 -7.55 -11.07 2.52
CA GLU B 9 -7.49 -9.90 3.39
C GLU B 9 -6.98 -8.65 2.68
N SER B 10 -7.34 -7.50 3.24
CA SER B 10 -6.84 -6.20 2.78
C SER B 10 -7.13 -5.15 3.85
N GLY B 11 -6.53 -3.98 3.69
CA GLY B 11 -6.74 -2.88 4.62
C GLY B 11 -5.60 -2.74 5.60
N GLY B 12 -4.61 -3.62 5.50
CA GLY B 12 -3.45 -3.54 6.36
C GLY B 12 -2.56 -2.38 5.94
N GLY B 13 -1.32 -2.41 6.41
CA GLY B 13 -0.34 -1.44 5.94
C GLY B 13 0.12 -0.45 6.99
N LEU B 14 0.70 0.65 6.52
CA LEU B 14 1.22 1.67 7.41
C LEU B 14 0.10 2.44 8.08
N VAL B 15 0.42 2.97 9.26
CA VAL B 15 -0.51 3.77 10.05
C VAL B 15 0.28 4.31 11.23
N GLN B 16 -0.05 5.52 11.67
CA GLN B 16 0.64 6.13 12.79
C GLN B 16 -0.10 5.87 14.08
N PRO B 17 0.61 5.96 15.22
CA PRO B 17 -0.04 5.83 16.52
C PRO B 17 -1.22 6.78 16.62
N GLY B 18 -2.37 6.28 17.09
CA GLY B 18 -3.58 7.07 17.15
C GLY B 18 -4.42 6.90 15.90
N GLY B 19 -3.76 6.52 14.81
CA GLY B 19 -4.44 6.32 13.54
C GLY B 19 -5.37 5.14 13.57
N SER B 20 -6.07 4.92 12.46
CA SER B 20 -7.10 3.91 12.41
C SER B 20 -7.00 3.09 11.12
N LEU B 21 -7.48 1.86 11.17
CA LEU B 21 -7.56 1.01 9.99
C LEU B 21 -8.77 0.10 10.08
N ARG B 22 -9.25 -0.35 8.93
CA ARG B 22 -10.31 -1.34 8.88
C ARG B 22 -9.82 -2.49 8.03
N LEU B 23 -9.60 -3.63 8.68
CA LEU B 23 -9.16 -4.81 7.97
C LEU B 23 -10.40 -5.46 7.39
N SER B 24 -10.29 -5.93 6.16
CA SER B 24 -11.40 -6.60 5.51
C SER B 24 -10.98 -7.99 5.05
N CYS B 25 -11.81 -8.98 5.35
CA CYS B 25 -11.57 -10.34 4.89
C CYS B 25 -12.80 -10.87 4.15
N VAL B 26 -12.66 -11.04 2.84
CA VAL B 26 -13.75 -11.56 2.02
C VAL B 26 -13.58 -13.06 1.81
N THR B 27 -14.61 -13.82 2.17
CA THR B 27 -14.50 -15.27 2.18
C THR B 27 -15.27 -15.94 1.04
N SER B 28 -14.73 -17.06 0.55
CA SER B 28 -15.41 -17.86 -0.47
C SER B 28 -15.07 -19.34 -0.29
N GLY B 29 -15.95 -20.21 -0.78
CA GLY B 29 -15.71 -21.64 -0.74
C GLY B 29 -16.50 -22.34 0.36
N PHE B 30 -17.28 -21.56 1.08
CA PHE B 30 -18.10 -22.09 2.18
C PHE B 30 -19.19 -21.09 2.54
N THR B 31 -20.28 -21.57 3.13
CA THR B 31 -21.36 -20.71 3.59
C THR B 31 -20.89 -19.83 4.74
N PHE B 32 -20.69 -18.55 4.44
CA PHE B 32 -20.15 -17.59 5.41
C PHE B 32 -20.98 -17.48 6.70
N ARG B 33 -22.30 -17.31 6.56
CA ARG B 33 -23.17 -17.08 7.72
C ARG B 33 -23.16 -18.23 8.72
N LYS B 34 -22.84 -19.43 8.26
CA LYS B 34 -22.90 -20.62 9.09
C LYS B 34 -21.71 -20.80 10.05
N PHE B 35 -20.81 -19.82 10.08
CA PHE B 35 -19.58 -19.96 10.87
C PHE B 35 -19.27 -18.74 11.76
N GLY B 36 -18.62 -19.01 12.88
CA GLY B 36 -18.07 -17.95 13.70
C GLY B 36 -16.73 -17.54 13.12
N MET B 37 -16.34 -16.28 13.33
CA MET B 37 -15.09 -15.78 12.79
C MET B 37 -14.23 -15.16 13.88
N SER B 38 -12.93 -15.10 13.64
CA SER B 38 -12.01 -14.53 14.62
C SER B 38 -10.84 -13.82 13.95
N TRP B 39 -10.20 -12.94 14.71
CA TRP B 39 -8.96 -12.32 14.26
C TRP B 39 -7.82 -12.76 15.18
N VAL B 40 -6.69 -13.13 14.59
CA VAL B 40 -5.51 -13.50 15.35
C VAL B 40 -4.33 -12.74 14.78
N ARG B 41 -3.48 -12.22 15.64
CA ARG B 41 -2.31 -11.50 15.16
C ARG B 41 -1.02 -12.17 15.60
N GLN B 42 0.08 -11.84 14.93
CA GLN B 42 1.38 -12.36 15.28
C GLN B 42 2.47 -11.33 15.02
N ALA B 43 2.89 -10.67 16.08
CA ALA B 43 4.03 -9.75 16.02
C ALA B 43 5.25 -10.49 15.51
N PRO B 44 6.14 -9.80 14.79
CA PRO B 44 7.36 -10.40 14.23
C PRO B 44 8.21 -11.11 15.28
N GLY B 45 8.59 -12.34 14.99
CA GLY B 45 9.41 -13.15 15.88
C GLY B 45 8.67 -13.64 17.11
N LYS B 46 7.39 -13.33 17.21
CA LYS B 46 6.59 -13.74 18.35
C LYS B 46 5.55 -14.80 17.98
N GLY B 47 4.69 -15.13 18.94
CA GLY B 47 3.73 -16.21 18.75
C GLY B 47 2.31 -15.77 18.47
N LEU B 48 1.40 -16.72 18.44
CA LEU B 48 0.00 -16.44 18.13
C LEU B 48 -0.74 -15.76 19.29
N GLU B 49 -1.52 -14.74 18.96
CA GLU B 49 -2.33 -14.01 19.94
C GLU B 49 -3.73 -13.74 19.40
N TRP B 50 -4.73 -14.19 20.16
CA TRP B 50 -6.12 -13.95 19.80
C TRP B 50 -6.49 -12.48 19.97
N VAL B 51 -7.19 -11.92 18.99
CA VAL B 51 -7.58 -10.52 19.04
C VAL B 51 -9.03 -10.37 19.42
N ALA B 52 -9.90 -11.08 18.70
CA ALA B 52 -11.34 -10.95 18.87
C ALA B 52 -12.10 -12.04 18.11
N SER B 53 -13.29 -12.37 18.58
CA SER B 53 -14.14 -13.33 17.91
C SER B 53 -15.55 -12.76 17.76
N ILE B 54 -16.29 -13.33 16.82
CA ILE B 54 -17.67 -12.92 16.58
C ILE B 54 -18.51 -14.15 16.25
N VAL B 55 -19.72 -14.19 16.79
CA VAL B 55 -20.64 -15.30 16.56
C VAL B 55 -21.07 -15.38 15.10
N THR B 56 -21.83 -16.42 14.75
CA THR B 56 -22.37 -16.58 13.40
C THR B 56 -23.09 -15.32 12.93
N GLY B 57 -24.02 -14.84 13.75
CA GLY B 57 -24.72 -13.60 13.44
C GLY B 57 -23.84 -12.40 13.78
N GLY B 58 -24.47 -11.31 14.20
CA GLY B 58 -23.73 -10.12 14.57
C GLY B 58 -23.92 -9.79 16.05
N ARG B 59 -24.84 -10.51 16.67
CA ARG B 59 -25.25 -10.27 18.05
C ARG B 59 -24.12 -10.10 19.08
N LYS B 60 -23.22 -11.07 19.18
CA LYS B 60 -22.19 -11.03 20.23
C LYS B 60 -20.75 -10.91 19.73
N THR B 61 -19.93 -10.21 20.52
CA THR B 61 -18.50 -10.06 20.26
C THR B 61 -17.68 -10.23 21.52
N TYR B 62 -16.41 -10.62 21.35
CA TYR B 62 -15.49 -10.81 22.47
C TYR B 62 -14.11 -10.30 22.09
N TYR B 63 -13.47 -9.59 23.01
CA TYR B 63 -12.19 -8.96 22.73
C TYR B 63 -11.13 -9.34 23.75
N SER B 64 -9.87 -9.31 23.33
CA SER B 64 -8.77 -9.51 24.25
C SER B 64 -8.61 -8.24 25.08
N ASP B 65 -7.96 -8.37 26.24
CA ASP B 65 -7.76 -7.23 27.13
C ASP B 65 -6.95 -6.17 26.41
N SER B 66 -6.09 -6.62 25.50
CA SER B 66 -5.16 -5.77 24.78
C SER B 66 -5.84 -4.78 23.84
N VAL B 67 -7.01 -5.13 23.33
CA VAL B 67 -7.65 -4.31 22.32
C VAL B 67 -9.05 -3.86 22.71
N LYS B 68 -9.53 -4.33 23.86
CA LYS B 68 -10.88 -3.96 24.31
C LYS B 68 -11.07 -2.45 24.40
N GLY B 69 -12.09 -1.95 23.70
CA GLY B 69 -12.37 -0.53 23.70
C GLY B 69 -11.73 0.23 22.55
N ARG B 70 -10.75 -0.40 21.91
CA ARG B 70 -10.08 0.21 20.77
C ARG B 70 -10.45 -0.46 19.45
N PHE B 71 -10.75 -1.75 19.50
CA PHE B 71 -11.07 -2.52 18.29
C PHE B 71 -12.53 -2.91 18.25
N THR B 72 -13.06 -3.01 17.04
CA THR B 72 -14.40 -3.53 16.82
C THR B 72 -14.42 -4.56 15.70
N ILE B 73 -14.83 -5.78 16.03
CA ILE B 73 -15.00 -6.83 15.04
C ILE B 73 -16.45 -6.84 14.55
N SER B 74 -16.64 -7.16 13.28
CA SER B 74 -17.98 -7.15 12.69
C SER B 74 -17.99 -7.87 11.35
N ARG B 75 -19.17 -8.37 10.97
CA ARG B 75 -19.32 -9.13 9.73
C ARG B 75 -20.58 -8.73 9.00
N ASP B 76 -20.51 -8.76 7.67
CA ASP B 76 -21.69 -8.58 6.84
C ASP B 76 -21.88 -9.87 6.05
N ASN B 77 -22.86 -10.66 6.44
CA ASN B 77 -23.09 -11.99 5.85
C ASN B 77 -23.45 -11.92 4.38
N SER B 78 -24.07 -10.83 3.98
CA SER B 78 -24.50 -10.62 2.60
C SER B 78 -23.32 -10.35 1.66
N LYS B 79 -22.19 -9.94 2.24
CA LYS B 79 -20.99 -9.66 1.44
C LYS B 79 -19.88 -10.68 1.67
N ASN B 80 -20.17 -11.69 2.50
CA ASN B 80 -19.19 -12.71 2.89
C ASN B 80 -17.90 -12.07 3.41
N THR B 81 -18.05 -11.02 4.20
CA THR B 81 -16.91 -10.19 4.57
C THR B 81 -16.78 -10.03 6.10
N LEU B 82 -15.55 -10.18 6.58
CA LEU B 82 -15.24 -9.94 7.98
C LEU B 82 -14.50 -8.62 8.09
N TYR B 83 -14.86 -7.83 9.11
CA TYR B 83 -14.22 -6.54 9.33
C TYR B 83 -13.56 -6.48 10.70
N LEU B 84 -12.45 -5.76 10.79
CA LEU B 84 -11.86 -5.44 12.08
C LEU B 84 -11.57 -3.96 12.11
N GLN B 85 -12.37 -3.22 12.87
CA GLN B 85 -12.15 -1.79 12.99
C GLN B 85 -11.12 -1.55 14.07
N MET B 86 -9.98 -0.98 13.69
CA MET B 86 -8.88 -0.77 14.62
C MET B 86 -8.67 0.72 14.87
N ASN B 87 -9.11 1.20 16.04
CA ASN B 87 -8.92 2.60 16.43
C ASN B 87 -7.87 2.74 17.51
N SER B 88 -7.34 3.96 17.68
CA SER B 88 -6.34 4.25 18.71
C SER B 88 -5.18 3.26 18.66
N LEU B 89 -4.63 3.06 17.48
CA LEU B 89 -3.58 2.08 17.28
C LEU B 89 -2.30 2.43 18.03
N ARG B 90 -1.64 1.41 18.57
CA ARG B 90 -0.38 1.60 19.27
C ARG B 90 0.71 0.83 18.54
N ALA B 91 1.96 1.15 18.86
CA ALA B 91 3.08 0.46 18.25
C ALA B 91 3.03 -1.07 18.47
N GLU B 92 2.57 -1.49 19.65
CA GLU B 92 2.54 -2.93 19.96
C GLU B 92 1.39 -3.66 19.26
N ASP B 93 0.61 -2.92 18.48
CA ASP B 93 -0.43 -3.53 17.67
C ASP B 93 0.17 -4.03 16.37
N THR B 94 1.43 -3.67 16.14
CA THR B 94 2.12 -4.06 14.91
C THR B 94 2.20 -5.58 14.85
N ALA B 95 1.64 -6.14 13.77
CA ALA B 95 1.52 -7.57 13.63
C ALA B 95 0.94 -7.96 12.28
N VAL B 96 1.11 -9.23 11.92
CA VAL B 96 0.36 -9.80 10.84
C VAL B 96 -0.97 -10.23 11.42
N TYR B 97 -2.06 -9.64 10.95
CA TYR B 97 -3.37 -9.99 11.47
C TYR B 97 -3.97 -11.04 10.57
N TYR B 98 -4.51 -12.10 11.17
CA TYR B 98 -5.08 -13.18 10.38
C TYR B 98 -6.59 -13.20 10.50
N CYS B 99 -7.25 -13.23 9.35
CA CYS B 99 -8.68 -13.49 9.27
C CYS B 99 -8.83 -15.00 9.44
N THR B 100 -9.63 -15.43 10.42
CA THR B 100 -9.77 -16.87 10.65
C THR B 100 -11.21 -17.34 10.76
N ARG B 101 -11.44 -18.59 10.39
CA ARG B 101 -12.75 -19.22 10.45
C ARG B 101 -12.78 -20.32 11.50
N GLY B 102 -13.86 -20.38 12.27
CA GLY B 102 -14.06 -21.46 13.22
C GLY B 102 -14.35 -22.76 12.48
N TYR B 103 -13.81 -23.86 12.98
CA TYR B 103 -13.97 -25.15 12.32
C TYR B 103 -15.35 -25.76 12.57
N SER B 104 -15.92 -25.46 13.74
CA SER B 104 -17.25 -25.95 14.10
C SER B 104 -18.19 -24.79 14.44
N SER B 105 -19.46 -25.12 14.64
CA SER B 105 -20.49 -24.11 14.89
C SER B 105 -20.57 -23.69 16.36
N THR B 106 -19.83 -24.38 17.21
CA THR B 106 -19.87 -24.13 18.65
C THR B 106 -18.48 -23.81 19.21
N SER B 107 -17.50 -23.76 18.33
CA SER B 107 -16.13 -23.42 18.72
C SER B 107 -15.54 -22.35 17.82
N TYR B 108 -14.60 -21.58 18.37
CA TYR B 108 -13.93 -20.55 17.60
C TYR B 108 -12.54 -20.99 17.18
N ALA B 109 -12.21 -22.26 17.46
CA ALA B 109 -10.95 -22.84 17.02
C ALA B 109 -10.82 -22.74 15.51
N MET B 110 -9.69 -22.20 15.07
CA MET B 110 -9.50 -21.85 13.66
C MET B 110 -8.99 -23.03 12.83
N ASP B 111 -9.58 -23.24 11.67
CA ASP B 111 -9.11 -24.25 10.74
C ASP B 111 -8.54 -23.61 9.49
N TYR B 112 -9.26 -22.63 8.96
CA TYR B 112 -8.82 -21.87 7.80
C TYR B 112 -8.34 -20.49 8.19
N TRP B 113 -7.18 -20.11 7.66
CA TRP B 113 -6.53 -18.84 7.99
C TRP B 113 -6.39 -18.01 6.73
N GLY B 114 -6.61 -16.70 6.85
CA GLY B 114 -6.36 -15.80 5.76
C GLY B 114 -4.87 -15.75 5.45
N GLN B 115 -4.51 -15.19 4.30
CA GLN B 115 -3.12 -15.12 3.88
C GLN B 115 -2.27 -14.30 4.88
N GLY B 116 -2.93 -13.39 5.59
CA GLY B 116 -2.25 -12.55 6.56
C GLY B 116 -1.75 -11.26 5.95
N THR B 117 -2.00 -10.16 6.66
CA THR B 117 -1.56 -8.85 6.22
C THR B 117 -0.77 -8.13 7.32
N LEU B 118 0.38 -7.58 6.95
CA LEU B 118 1.20 -6.86 7.91
C LEU B 118 0.60 -5.50 8.20
N VAL B 119 0.44 -5.21 9.49
CA VAL B 119 -0.02 -3.92 9.94
C VAL B 119 1.09 -3.29 10.74
N THR B 120 1.64 -2.22 10.22
CA THR B 120 2.75 -1.55 10.91
C THR B 120 2.31 -0.20 11.49
N VAL B 121 2.36 -0.11 12.81
CA VAL B 121 1.99 1.11 13.49
C VAL B 121 3.27 1.80 13.94
N SER B 122 3.53 2.95 13.35
CA SER B 122 4.80 3.64 13.56
C SER B 122 4.72 5.09 13.13
N SER B 123 5.58 5.93 13.70
CA SER B 123 5.64 7.33 13.33
C SER B 123 6.64 7.57 12.20
N ALA B 124 7.44 6.55 11.92
CA ALA B 124 8.45 6.63 10.87
C ALA B 124 7.83 6.81 9.49
N SER B 125 8.54 7.50 8.62
CA SER B 125 8.10 7.68 7.25
C SER B 125 8.75 6.63 6.36
N THR B 126 8.06 6.27 5.28
CA THR B 126 8.57 5.31 4.32
C THR B 126 9.92 5.77 3.77
N LYS B 127 10.91 4.89 3.84
CA LYS B 127 12.24 5.21 3.39
C LYS B 127 12.91 3.99 2.80
N GLY B 128 13.55 4.17 1.64
CA GLY B 128 14.28 3.10 1.01
C GLY B 128 15.58 2.86 1.76
N PRO B 129 16.11 1.63 1.67
CA PRO B 129 17.32 1.28 2.41
C PRO B 129 18.58 1.82 1.75
N SER B 130 19.55 2.20 2.58
CA SER B 130 20.90 2.42 2.09
C SER B 130 21.57 1.05 2.09
N VAL B 131 22.17 0.69 0.97
CA VAL B 131 22.80 -0.63 0.85
C VAL B 131 24.32 -0.51 0.78
N PHE B 132 25.01 -1.08 1.77
CA PHE B 132 26.46 -1.00 1.83
C PHE B 132 27.09 -2.37 1.64
N PRO B 133 28.24 -2.41 0.93
CA PRO B 133 28.92 -3.68 0.70
C PRO B 133 29.63 -4.17 1.95
N LEU B 134 29.59 -5.47 2.19
CA LEU B 134 30.40 -6.11 3.21
C LEU B 134 31.54 -6.83 2.49
N ALA B 135 32.63 -6.11 2.24
CA ALA B 135 33.72 -6.61 1.42
C ALA B 135 34.42 -7.82 2.02
N PRO B 136 34.77 -8.80 1.17
CA PRO B 136 35.49 -10.01 1.59
C PRO B 136 36.97 -9.75 1.87
N GLY B 144 39.89 -21.58 2.07
CA GLY B 144 39.48 -21.47 0.68
C GLY B 144 38.13 -20.79 0.51
N THR B 145 37.48 -20.44 1.62
CA THR B 145 36.22 -19.73 1.58
C THR B 145 36.30 -18.35 2.23
N ALA B 146 35.85 -17.34 1.48
CA ALA B 146 35.73 -15.98 2.00
C ALA B 146 34.25 -15.64 2.13
N ALA B 147 33.95 -14.68 2.99
CA ALA B 147 32.57 -14.24 3.18
C ALA B 147 32.38 -12.82 2.66
N LEU B 148 31.20 -12.57 2.11
CA LEU B 148 30.83 -11.24 1.65
C LEU B 148 29.32 -11.08 1.72
N GLY B 149 28.85 -9.84 1.70
CA GLY B 149 27.42 -9.61 1.73
C GLY B 149 27.03 -8.16 1.55
N CYS B 150 25.76 -7.87 1.84
CA CYS B 150 25.26 -6.50 1.77
C CYS B 150 24.58 -6.11 3.08
N LEU B 151 24.86 -4.89 3.53
CA LEU B 151 24.19 -4.34 4.69
C LEU B 151 22.99 -3.54 4.20
N VAL B 152 21.79 -3.99 4.56
CA VAL B 152 20.57 -3.30 4.18
C VAL B 152 20.08 -2.46 5.36
N LYS B 153 20.51 -1.20 5.40
CA LYS B 153 20.33 -0.38 6.59
C LYS B 153 19.31 0.73 6.44
N ASP B 154 18.55 0.96 7.50
CA ASP B 154 17.67 2.12 7.63
C ASP B 154 16.54 2.19 6.61
N TYR B 155 15.71 1.15 6.54
CA TYR B 155 14.55 1.21 5.67
C TYR B 155 13.26 1.08 6.45
N PHE B 156 12.16 1.47 5.83
CA PHE B 156 10.86 1.42 6.46
C PHE B 156 9.78 1.56 5.39
N PRO B 157 8.74 0.71 5.45
CA PRO B 157 8.62 -0.35 6.44
C PRO B 157 9.11 -1.66 5.86
N GLU B 158 8.73 -2.76 6.49
CA GLU B 158 9.00 -4.09 5.97
C GLU B 158 8.01 -4.33 4.84
N PRO B 159 8.37 -5.18 3.86
CA PRO B 159 9.62 -5.91 3.77
C PRO B 159 10.55 -5.42 2.65
N VAL B 160 11.76 -5.97 2.65
CA VAL B 160 12.65 -5.87 1.51
C VAL B 160 12.89 -7.27 0.97
N THR B 161 13.21 -7.38 -0.31
CA THR B 161 13.60 -8.66 -0.86
C THR B 161 15.04 -8.55 -1.32
N VAL B 162 15.83 -9.56 -0.99
CA VAL B 162 17.23 -9.58 -1.38
C VAL B 162 17.55 -10.83 -2.18
N SER B 163 18.15 -10.63 -3.34
CA SER B 163 18.61 -11.73 -4.17
C SER B 163 20.02 -11.42 -4.60
N TRP B 164 20.75 -12.45 -5.04
CA TRP B 164 22.12 -12.27 -5.48
C TRP B 164 22.26 -12.68 -6.94
N ASN B 165 22.92 -11.83 -7.72
CA ASN B 165 23.06 -12.03 -9.15
C ASN B 165 21.73 -12.33 -9.79
N SER B 166 20.75 -11.48 -9.48
CA SER B 166 19.42 -11.58 -10.08
C SER B 166 18.77 -12.94 -9.83
N GLY B 167 19.22 -13.62 -8.79
CA GLY B 167 18.62 -14.89 -8.40
C GLY B 167 19.41 -16.09 -8.90
N ALA B 168 20.49 -15.83 -9.64
CA ALA B 168 21.30 -16.91 -10.18
C ALA B 168 22.08 -17.59 -9.06
N LEU B 169 22.35 -16.84 -8.00
CA LEU B 169 23.11 -17.36 -6.87
C LEU B 169 22.23 -17.50 -5.63
N THR B 170 22.00 -18.74 -5.20
CA THR B 170 21.15 -18.98 -4.03
C THR B 170 21.90 -19.77 -2.96
N SER B 171 22.77 -20.68 -3.40
CA SER B 171 23.51 -21.55 -2.50
C SER B 171 24.51 -20.80 -1.62
N GLY B 172 24.38 -20.95 -0.31
CA GLY B 172 25.30 -20.36 0.63
C GLY B 172 24.86 -18.98 1.10
N VAL B 173 23.70 -18.54 0.64
CA VAL B 173 23.19 -17.22 0.99
C VAL B 173 22.40 -17.26 2.29
N HIS B 174 22.68 -16.30 3.16
CA HIS B 174 21.89 -16.11 4.36
C HIS B 174 21.44 -14.67 4.43
N THR B 175 20.12 -14.47 4.45
CA THR B 175 19.57 -13.14 4.64
C THR B 175 18.88 -13.07 6.00
N PHE B 176 19.42 -12.25 6.89
CA PHE B 176 18.96 -12.20 8.26
C PHE B 176 17.65 -11.44 8.39
N PRO B 177 16.80 -11.90 9.33
CA PRO B 177 15.56 -11.20 9.68
C PRO B 177 15.89 -9.77 10.07
N ALA B 178 14.99 -8.84 9.74
CA ALA B 178 15.22 -7.44 10.04
C ALA B 178 15.18 -7.19 11.54
N VAL B 179 15.83 -6.10 11.96
CA VAL B 179 15.80 -5.67 13.35
C VAL B 179 15.39 -4.21 13.42
N LEU B 180 14.41 -3.93 14.29
CA LEU B 180 13.94 -2.58 14.49
C LEU B 180 14.96 -1.78 15.29
N GLN B 181 15.40 -0.65 14.73
CA GLN B 181 16.40 0.18 15.40
C GLN B 181 15.70 1.28 16.18
N SER B 182 16.41 1.83 17.16
CA SER B 182 15.86 2.85 18.05
C SER B 182 15.38 4.09 17.29
N SER B 183 15.81 4.23 16.05
CA SER B 183 15.36 5.33 15.19
C SER B 183 14.01 5.04 14.56
N GLY B 184 13.53 3.79 14.70
CA GLY B 184 12.28 3.38 14.11
C GLY B 184 12.45 2.75 12.74
N LEU B 185 13.69 2.72 12.27
CA LEU B 185 14.01 2.13 10.98
C LEU B 185 14.56 0.72 11.13
N TYR B 186 14.42 -0.08 10.08
CA TYR B 186 14.85 -1.47 10.09
C TYR B 186 16.23 -1.64 9.47
N SER B 187 16.92 -2.70 9.88
CA SER B 187 18.19 -3.07 9.27
C SER B 187 18.35 -4.58 9.21
N LEU B 188 18.96 -5.05 8.13
CA LEU B 188 19.37 -6.45 8.05
C LEU B 188 20.60 -6.59 7.18
N SER B 189 21.15 -7.79 7.15
CA SER B 189 22.25 -8.09 6.25
C SER B 189 21.99 -9.39 5.52
N SER B 190 22.43 -9.47 4.27
CA SER B 190 22.39 -10.72 3.54
C SER B 190 23.81 -11.10 3.18
N VAL B 191 24.21 -12.31 3.56
CA VAL B 191 25.58 -12.75 3.35
C VAL B 191 25.63 -14.04 2.56
N VAL B 192 26.78 -14.29 1.96
CA VAL B 192 26.99 -15.51 1.19
C VAL B 192 28.47 -15.89 1.29
N THR B 193 28.76 -17.19 1.26
CA THR B 193 30.13 -17.68 1.29
C THR B 193 30.49 -18.23 -0.09
N VAL B 194 31.69 -17.88 -0.56
CA VAL B 194 32.12 -18.21 -1.92
C VAL B 194 33.59 -18.60 -1.93
N PRO B 195 34.06 -19.25 -3.03
CA PRO B 195 35.49 -19.53 -3.16
C PRO B 195 36.36 -18.27 -3.17
N SER B 196 37.45 -18.29 -2.41
CA SER B 196 38.39 -17.17 -2.39
C SER B 196 39.08 -16.98 -3.73
N SER B 197 39.31 -18.08 -4.43
CA SER B 197 39.99 -18.06 -5.71
C SER B 197 39.17 -17.38 -6.82
N SER B 198 37.86 -17.42 -6.69
CA SER B 198 36.95 -16.89 -7.69
C SER B 198 36.67 -15.40 -7.51
N LEU B 199 37.17 -14.81 -6.43
CA LEU B 199 36.75 -13.47 -6.02
C LEU B 199 36.94 -12.31 -7.01
N GLY B 200 37.99 -12.37 -7.82
CA GLY B 200 38.22 -11.29 -8.77
C GLY B 200 37.66 -11.58 -10.15
N THR B 201 37.07 -12.77 -10.29
CA THR B 201 36.55 -13.23 -11.57
C THR B 201 35.04 -13.30 -11.58
N GLN B 202 34.48 -13.94 -10.56
CA GLN B 202 33.04 -14.00 -10.41
C GLN B 202 32.54 -12.68 -9.86
N THR B 203 31.36 -12.28 -10.32
CA THR B 203 30.74 -11.05 -9.89
C THR B 203 29.72 -11.36 -8.81
N TYR B 204 29.68 -10.54 -7.77
CA TYR B 204 28.66 -10.72 -6.73
C TYR B 204 27.86 -9.45 -6.53
N ILE B 205 26.60 -9.49 -6.92
CA ILE B 205 25.73 -8.32 -6.86
C ILE B 205 24.48 -8.66 -6.07
N CYS B 206 24.21 -7.89 -5.01
CA CYS B 206 22.98 -8.05 -4.26
C CYS B 206 21.88 -7.16 -4.83
N ASN B 207 20.71 -7.75 -5.04
CA ASN B 207 19.58 -7.02 -5.55
C ASN B 207 18.59 -6.75 -4.43
N VAL B 208 18.47 -5.49 -4.05
CA VAL B 208 17.60 -5.11 -2.94
C VAL B 208 16.39 -4.35 -3.45
N ASN B 209 15.21 -4.95 -3.27
CA ASN B 209 13.97 -4.32 -3.71
C ASN B 209 13.11 -3.93 -2.53
N HIS B 210 12.69 -2.67 -2.51
CA HIS B 210 11.81 -2.18 -1.46
C HIS B 210 10.62 -1.51 -2.11
N LYS B 211 9.55 -2.28 -2.27
CA LYS B 211 8.35 -1.84 -2.97
C LYS B 211 7.68 -0.59 -2.38
N PRO B 212 7.52 -0.54 -1.04
CA PRO B 212 6.82 0.63 -0.46
C PRO B 212 7.45 1.97 -0.82
N SER B 213 8.76 2.00 -1.01
CA SER B 213 9.43 3.25 -1.33
C SER B 213 9.74 3.34 -2.83
N ASN B 214 9.28 2.34 -3.59
CA ASN B 214 9.55 2.26 -5.03
C ASN B 214 11.05 2.38 -5.34
N THR B 215 11.87 1.71 -4.55
CA THR B 215 13.31 1.73 -4.76
C THR B 215 13.86 0.34 -5.05
N LYS B 216 14.81 0.28 -5.98
CA LYS B 216 15.52 -0.96 -6.27
C LYS B 216 17.02 -0.61 -6.32
N VAL B 217 17.82 -1.42 -5.66
CA VAL B 217 19.26 -1.14 -5.59
C VAL B 217 20.07 -2.40 -5.92
N ASP B 218 21.10 -2.22 -6.74
CA ASP B 218 22.03 -3.29 -7.09
C ASP B 218 23.45 -2.89 -6.70
N LYS B 219 24.01 -3.53 -5.67
CA LYS B 219 25.36 -3.24 -5.23
C LYS B 219 26.33 -4.36 -5.59
N LYS B 220 27.41 -4.00 -6.29
CA LYS B 220 28.45 -4.97 -6.62
C LYS B 220 29.41 -5.02 -5.43
N VAL B 221 29.67 -6.23 -4.94
CA VAL B 221 30.49 -6.39 -3.74
C VAL B 221 31.88 -6.97 -4.04
N GLU B 222 32.89 -6.10 -4.05
CA GLU B 222 34.25 -6.50 -4.36
C GLU B 222 35.19 -6.21 -3.19
N PRO B 223 36.34 -6.91 -3.13
CA PRO B 223 37.30 -6.74 -2.02
C PRO B 223 37.91 -5.33 -1.94
N LYS B 224 38.41 -4.97 -0.76
CA LYS B 224 39.06 -3.68 -0.56
C LYS B 224 40.50 -3.71 -1.07
N ASP C 1 -8.67 1.12 -36.58
CA ASP C 1 -9.43 1.05 -35.33
C ASP C 1 -10.76 1.75 -35.47
N ILE C 2 -11.81 1.15 -34.95
CA ILE C 2 -13.11 1.79 -34.94
C ILE C 2 -13.08 2.96 -33.98
N VAL C 3 -13.01 4.17 -34.54
CA VAL C 3 -12.98 5.39 -33.73
C VAL C 3 -14.38 5.84 -33.33
N LEU C 4 -14.51 6.24 -32.06
CA LEU C 4 -15.76 6.79 -31.56
C LEU C 4 -15.61 8.28 -31.26
N THR C 5 -16.48 9.09 -31.86
CA THR C 5 -16.43 10.54 -31.68
C THR C 5 -17.64 11.04 -30.91
N GLN C 6 -17.42 11.49 -29.69
CA GLN C 6 -18.50 12.02 -28.87
C GLN C 6 -18.66 13.53 -29.06
N SER C 7 -19.90 14.00 -28.91
CA SER C 7 -20.22 15.40 -29.13
C SER C 7 -21.48 15.75 -28.36
N PRO C 8 -21.51 16.93 -27.73
CA PRO C 8 -20.39 17.87 -27.67
C PRO C 8 -19.44 17.48 -26.54
N ALA C 9 -18.39 18.26 -26.33
CA ALA C 9 -17.44 17.97 -25.26
C ALA C 9 -18.07 18.20 -23.89
N THR C 10 -18.89 19.25 -23.80
CA THR C 10 -19.54 19.63 -22.55
C THR C 10 -20.96 20.07 -22.78
N LEU C 11 -21.89 19.46 -22.07
CA LEU C 11 -23.29 19.91 -22.10
C LEU C 11 -23.60 20.74 -20.85
N SER C 12 -23.84 22.03 -21.06
CA SER C 12 -24.21 22.93 -19.97
C SER C 12 -25.72 23.13 -19.95
N LEU C 13 -26.38 22.45 -19.02
CA LEU C 13 -27.83 22.46 -18.95
C LEU C 13 -28.29 22.60 -17.50
N SER C 14 -29.56 22.97 -17.33
CA SER C 14 -30.16 23.12 -16.01
C SER C 14 -31.04 21.92 -15.73
N PRO C 15 -31.22 21.58 -14.43
CA PRO C 15 -32.09 20.48 -14.02
C PRO C 15 -33.49 20.59 -14.61
N GLY C 16 -33.98 19.49 -15.17
CA GLY C 16 -35.29 19.48 -15.80
C GLY C 16 -35.21 19.49 -17.31
N GLU C 17 -34.17 20.13 -17.85
CA GLU C 17 -33.98 20.21 -19.29
C GLU C 17 -33.67 18.85 -19.90
N ARG C 18 -33.67 18.80 -21.22
CA ARG C 18 -33.45 17.55 -21.91
C ARG C 18 -32.01 17.48 -22.40
N ALA C 19 -31.36 16.35 -22.19
CA ALA C 19 -29.97 16.18 -22.62
C ALA C 19 -29.86 15.19 -23.76
N THR C 20 -29.17 15.59 -24.82
CA THR C 20 -28.93 14.70 -25.95
C THR C 20 -27.43 14.60 -26.23
N LEU C 21 -26.89 13.39 -26.12
CA LEU C 21 -25.47 13.17 -26.33
C LEU C 21 -25.24 12.37 -27.59
N SER C 22 -24.22 12.73 -28.34
CA SER C 22 -23.96 12.08 -29.62
C SER C 22 -22.68 11.25 -29.60
N CYS C 23 -22.70 10.13 -30.31
CA CYS C 23 -21.51 9.31 -30.48
C CYS C 23 -21.45 8.79 -31.91
N MET C 24 -20.39 9.18 -32.63
CA MET C 24 -20.25 8.84 -34.04
C MET C 24 -19.17 7.76 -34.20
N THR C 25 -19.44 6.76 -35.03
CA THR C 25 -18.48 5.69 -35.27
C THR C 25 -17.97 5.72 -36.71
N SER C 26 -16.68 5.44 -36.90
CA SER C 26 -16.08 5.44 -38.23
C SER C 26 -16.55 4.26 -39.10
N THR C 27 -17.08 3.23 -38.46
CA THR C 27 -17.50 2.01 -39.14
C THR C 27 -18.79 1.52 -38.50
N ASP C 28 -19.58 0.76 -39.24
CA ASP C 28 -20.73 0.09 -38.66
C ASP C 28 -20.27 -0.83 -37.54
N ILE C 29 -21.05 -0.90 -36.47
CA ILE C 29 -20.70 -1.70 -35.31
C ILE C 29 -21.86 -2.63 -34.95
N ASP C 30 -22.72 -2.88 -35.93
CA ASP C 30 -23.89 -3.73 -35.77
C ASP C 30 -24.70 -3.36 -34.53
N ASP C 31 -24.88 -2.06 -34.32
CA ASP C 31 -25.63 -1.55 -33.17
C ASP C 31 -25.08 -2.01 -31.82
N ASP C 32 -23.81 -2.40 -31.80
CA ASP C 32 -23.17 -2.81 -30.56
C ASP C 32 -22.63 -1.59 -29.82
N MET C 33 -23.54 -0.66 -29.53
CA MET C 33 -23.18 0.57 -28.83
C MET C 33 -23.56 0.45 -27.36
N ASN C 34 -22.69 0.92 -26.47
CA ASN C 34 -22.98 0.89 -25.04
C ASN C 34 -22.71 2.24 -24.41
N TRP C 35 -23.52 2.62 -23.41
CA TRP C 35 -23.37 3.91 -22.74
C TRP C 35 -23.09 3.77 -21.25
N TYR C 36 -22.18 4.60 -20.75
CA TYR C 36 -21.76 4.56 -19.35
C TYR C 36 -21.87 5.91 -18.67
N GLN C 37 -22.16 5.89 -17.38
CA GLN C 37 -22.13 7.09 -16.56
C GLN C 37 -20.97 6.96 -15.59
N GLN C 38 -20.26 8.06 -15.34
CA GLN C 38 -19.19 8.03 -14.35
C GLN C 38 -19.15 9.31 -13.53
N LYS C 39 -19.21 9.16 -12.23
CA LYS C 39 -19.12 10.27 -11.30
C LYS C 39 -17.75 10.21 -10.64
N PRO C 40 -17.22 11.36 -10.19
CA PRO C 40 -15.85 11.43 -9.66
C PRO C 40 -15.57 10.39 -8.57
N GLY C 41 -14.44 9.72 -8.68
CA GLY C 41 -14.03 8.73 -7.69
C GLY C 41 -14.84 7.45 -7.74
N GLN C 42 -15.47 7.19 -8.88
CA GLN C 42 -16.27 5.99 -9.03
C GLN C 42 -16.00 5.28 -10.35
N ALA C 43 -16.31 3.99 -10.39
CA ALA C 43 -16.24 3.21 -11.61
C ALA C 43 -17.39 3.60 -12.49
N PRO C 44 -17.26 3.36 -13.80
CA PRO C 44 -18.36 3.63 -14.73
C PRO C 44 -19.56 2.75 -14.41
N ARG C 45 -20.73 3.17 -14.87
CA ARG C 45 -21.97 2.44 -14.62
C ARG C 45 -22.71 2.29 -15.94
N LEU C 46 -22.95 1.05 -16.35
CA LEU C 46 -23.60 0.78 -17.64
C LEU C 46 -25.05 1.26 -17.67
N LEU C 47 -25.37 2.07 -18.67
CA LEU C 47 -26.72 2.60 -18.81
C LEU C 47 -27.48 1.93 -19.95
N ILE C 48 -26.83 1.84 -21.10
CA ILE C 48 -27.46 1.30 -22.29
C ILE C 48 -26.50 0.28 -22.87
N SER C 49 -27.03 -0.88 -23.24
CA SER C 49 -26.22 -1.94 -23.81
C SER C 49 -26.63 -2.22 -25.24
N GLU C 50 -25.95 -3.17 -25.89
CA GLU C 50 -26.18 -3.50 -27.30
C GLU C 50 -27.65 -3.59 -27.66
N GLY C 51 -27.98 -3.13 -28.87
CA GLY C 51 -29.34 -3.12 -29.34
C GLY C 51 -30.14 -2.00 -28.73
N ASN C 52 -29.44 -0.99 -28.23
CA ASN C 52 -30.07 0.19 -27.63
C ASN C 52 -31.03 -0.17 -26.50
N THR C 53 -30.59 -1.05 -25.60
CA THR C 53 -31.45 -1.51 -24.51
C THR C 53 -31.11 -0.81 -23.20
N LEU C 54 -32.13 -0.27 -22.56
CA LEU C 54 -31.96 0.32 -21.25
C LEU C 54 -31.77 -0.79 -20.22
N ARG C 55 -30.66 -0.76 -19.49
CA ARG C 55 -30.42 -1.75 -18.46
C ARG C 55 -31.42 -1.61 -17.33
N PRO C 56 -31.89 -2.73 -16.79
CA PRO C 56 -32.87 -2.73 -15.70
C PRO C 56 -32.26 -2.07 -14.48
N GLY C 57 -33.08 -1.30 -13.75
CA GLY C 57 -32.60 -0.61 -12.57
C GLY C 57 -32.08 0.78 -12.89
N VAL C 58 -32.03 1.11 -14.18
CA VAL C 58 -31.62 2.45 -14.62
C VAL C 58 -32.89 3.24 -14.87
N PRO C 59 -32.96 4.48 -14.35
CA PRO C 59 -34.17 5.30 -14.52
C PRO C 59 -34.63 5.42 -15.97
N ALA C 60 -35.94 5.60 -16.15
CA ALA C 60 -36.56 5.55 -17.46
C ALA C 60 -36.27 6.77 -18.32
N ARG C 61 -35.84 7.87 -17.70
CA ARG C 61 -35.55 9.10 -18.43
C ARG C 61 -34.35 8.94 -19.38
N PHE C 62 -33.49 7.97 -19.07
CA PHE C 62 -32.35 7.64 -19.92
C PHE C 62 -32.80 6.76 -21.07
N SER C 63 -32.35 7.06 -22.27
CA SER C 63 -32.66 6.20 -23.42
C SER C 63 -31.59 6.32 -24.49
N GLY C 64 -31.35 5.22 -25.20
CA GLY C 64 -30.35 5.17 -26.24
C GLY C 64 -30.93 4.78 -27.59
N SER C 65 -30.64 5.56 -28.61
CA SER C 65 -31.11 5.25 -29.95
C SER C 65 -30.01 5.45 -30.99
N GLY C 66 -30.30 5.04 -32.22
CA GLY C 66 -29.36 5.22 -33.31
C GLY C 66 -29.06 3.92 -34.02
N SER C 67 -28.41 4.03 -35.17
CA SER C 67 -28.04 2.86 -35.96
C SER C 67 -26.85 3.19 -36.86
N GLY C 68 -26.17 2.15 -37.35
CA GLY C 68 -25.05 2.33 -38.25
C GLY C 68 -23.85 3.05 -37.65
N THR C 69 -23.71 4.33 -37.96
CA THR C 69 -22.58 5.11 -37.46
C THR C 69 -23.00 6.25 -36.55
N ASP C 70 -24.31 6.45 -36.42
CA ASP C 70 -24.84 7.53 -35.61
C ASP C 70 -25.60 6.97 -34.43
N PHE C 71 -25.19 7.35 -33.22
CA PHE C 71 -25.83 6.85 -32.01
C PHE C 71 -26.08 7.99 -31.02
N THR C 72 -27.17 7.87 -30.27
CA THR C 72 -27.59 8.94 -29.37
C THR C 72 -27.94 8.41 -27.98
N LEU C 73 -27.53 9.14 -26.95
CA LEU C 73 -28.00 8.89 -25.60
C LEU C 73 -28.84 10.06 -25.15
N THR C 74 -30.09 9.81 -24.78
CA THR C 74 -30.99 10.89 -24.42
C THR C 74 -31.47 10.81 -22.98
N ILE C 75 -31.23 11.88 -22.23
CA ILE C 75 -31.78 12.02 -20.89
C ILE C 75 -32.96 12.98 -20.97
N SER C 76 -34.17 12.45 -20.80
CA SER C 76 -35.38 13.23 -21.07
C SER C 76 -35.53 14.46 -20.18
N SER C 77 -35.34 14.26 -18.87
CA SER C 77 -35.42 15.37 -17.93
C SER C 77 -34.31 15.25 -16.88
N LEU C 78 -33.35 16.16 -16.94
CA LEU C 78 -32.18 16.10 -16.07
C LEU C 78 -32.51 16.23 -14.58
N GLU C 79 -31.93 15.33 -13.79
CA GLU C 79 -31.95 15.40 -12.34
C GLU C 79 -30.57 15.80 -11.86
N PRO C 80 -30.46 16.29 -10.61
CA PRO C 80 -29.14 16.66 -10.09
C PRO C 80 -28.17 15.47 -10.04
N GLU C 81 -28.72 14.28 -9.96
CA GLU C 81 -27.90 13.07 -9.91
C GLU C 81 -27.36 12.68 -11.29
N ASP C 82 -27.88 13.32 -12.34
CA ASP C 82 -27.52 12.94 -13.71
C ASP C 82 -26.30 13.67 -14.24
N PHE C 83 -25.90 14.74 -13.56
CA PHE C 83 -24.74 15.49 -14.01
C PHE C 83 -23.48 14.70 -13.72
N ALA C 84 -22.84 14.25 -14.79
CA ALA C 84 -21.67 13.37 -14.70
C ALA C 84 -21.00 13.31 -16.06
N VAL C 85 -20.03 12.40 -16.19
CA VAL C 85 -19.38 12.20 -17.48
C VAL C 85 -19.96 10.94 -18.12
N TYR C 86 -20.16 11.01 -19.44
CA TYR C 86 -20.74 9.89 -20.16
C TYR C 86 -19.83 9.42 -21.29
N TYR C 87 -19.52 8.12 -21.28
CA TYR C 87 -18.69 7.51 -22.29
C TYR C 87 -19.51 6.53 -23.12
N CYS C 88 -19.22 6.48 -24.42
CA CYS C 88 -19.81 5.45 -25.26
C CYS C 88 -18.75 4.39 -25.54
N LEU C 89 -19.21 3.19 -25.90
CA LEU C 89 -18.32 2.07 -26.15
C LEU C 89 -18.87 1.13 -27.21
N GLN C 90 -18.04 0.76 -28.17
CA GLN C 90 -18.43 -0.25 -29.15
C GLN C 90 -17.89 -1.60 -28.75
N SER C 91 -18.70 -2.64 -28.94
CA SER C 91 -18.32 -3.99 -28.57
C SER C 91 -18.54 -4.94 -29.74
N PHE C 92 -18.39 -4.39 -30.95
CA PHE C 92 -18.60 -5.16 -32.15
C PHE C 92 -17.36 -5.96 -32.52
N ASN C 93 -16.19 -5.40 -32.22
CA ASN C 93 -14.93 -6.04 -32.60
C ASN C 93 -13.73 -5.47 -31.86
N VAL C 94 -12.70 -6.28 -31.70
CA VAL C 94 -11.45 -5.82 -31.09
C VAL C 94 -10.63 -5.04 -32.12
N PRO C 95 -9.91 -3.99 -31.66
CA PRO C 95 -9.84 -3.54 -30.28
C PRO C 95 -11.09 -2.79 -29.83
N LEU C 96 -11.58 -3.13 -28.64
CA LEU C 96 -12.71 -2.41 -28.05
C LEU C 96 -12.32 -0.95 -27.85
N THR C 97 -13.17 -0.05 -28.31
CA THR C 97 -12.83 1.37 -28.28
C THR C 97 -13.89 2.23 -27.61
N PHE C 98 -13.44 3.19 -26.81
CA PHE C 98 -14.32 4.11 -26.11
C PHE C 98 -14.34 5.46 -26.81
N GLY C 99 -15.40 6.22 -26.58
CA GLY C 99 -15.42 7.61 -26.95
C GLY C 99 -14.59 8.39 -25.94
N GLN C 100 -14.31 9.65 -26.24
CA GLN C 100 -13.47 10.47 -25.37
C GLN C 100 -14.26 11.05 -24.18
N GLY C 101 -15.56 10.84 -24.19
CA GLY C 101 -16.40 11.23 -23.07
C GLY C 101 -17.02 12.60 -23.25
N THR C 102 -18.25 12.73 -22.79
CA THR C 102 -18.95 14.01 -22.75
C THR C 102 -19.36 14.32 -21.31
N LYS C 103 -18.98 15.49 -20.81
CA LYS C 103 -19.38 15.91 -19.47
C LYS C 103 -20.63 16.77 -19.50
N VAL C 104 -21.65 16.36 -18.75
CA VAL C 104 -22.87 17.14 -18.61
C VAL C 104 -22.80 17.96 -17.32
N GLU C 105 -22.53 19.25 -17.43
CA GLU C 105 -22.38 20.10 -16.26
C GLU C 105 -23.64 20.92 -16.00
N ILE C 106 -23.73 21.49 -14.81
CA ILE C 106 -24.88 22.31 -14.44
C ILE C 106 -24.72 23.75 -14.91
N LYS C 107 -25.76 24.27 -15.57
CA LYS C 107 -25.79 25.66 -16.00
C LYS C 107 -26.34 26.60 -14.93
N ARG C 108 -25.58 27.65 -14.65
CA ARG C 108 -26.00 28.68 -13.71
C ARG C 108 -25.67 30.06 -14.26
N THR C 109 -26.06 31.09 -13.53
CA THR C 109 -25.80 32.45 -13.96
C THR C 109 -24.30 32.73 -13.90
N VAL C 110 -23.83 33.59 -14.80
CA VAL C 110 -22.43 33.98 -14.80
C VAL C 110 -22.03 34.52 -13.44
N ALA C 111 -20.86 34.11 -12.96
CA ALA C 111 -20.33 34.58 -11.70
C ALA C 111 -18.85 34.89 -11.87
N ALA C 112 -18.48 36.13 -11.61
CA ALA C 112 -17.09 36.56 -11.70
C ALA C 112 -16.30 35.93 -10.56
N PRO C 113 -15.00 35.69 -10.80
CA PRO C 113 -14.19 35.11 -9.74
C PRO C 113 -13.67 36.16 -8.76
N SER C 114 -13.59 35.79 -7.49
CA SER C 114 -12.83 36.59 -6.54
C SER C 114 -11.41 36.13 -6.71
N VAL C 115 -10.48 37.08 -6.83
CA VAL C 115 -9.10 36.75 -7.09
C VAL C 115 -8.24 37.03 -5.87
N PHE C 116 -7.44 36.06 -5.49
CA PHE C 116 -6.57 36.22 -4.33
C PHE C 116 -5.16 35.83 -4.73
N ILE C 117 -4.16 36.45 -4.12
CA ILE C 117 -2.77 36.09 -4.40
C ILE C 117 -2.01 35.79 -3.11
N PHE C 118 -1.16 34.75 -3.16
CA PHE C 118 -0.42 34.30 -1.99
C PHE C 118 1.06 34.19 -2.28
N PRO C 119 1.86 35.06 -1.65
CA PRO C 119 3.32 34.96 -1.75
C PRO C 119 3.80 33.65 -1.12
N PRO C 120 5.04 33.23 -1.39
CA PRO C 120 5.56 32.02 -0.76
C PRO C 120 5.75 32.27 0.72
N SER C 121 5.57 31.24 1.55
CA SER C 121 5.82 31.35 2.98
C SER C 121 7.33 31.48 3.24
N ASP C 122 7.69 32.09 4.36
CA ASP C 122 9.09 32.08 4.81
C ASP C 122 9.57 30.65 4.94
N SER C 123 8.66 29.77 5.35
CA SER C 123 8.95 28.36 5.48
C SER C 123 9.40 27.76 4.15
N GLN C 124 8.62 27.97 3.09
CA GLN C 124 8.99 27.41 1.79
C GLN C 124 10.30 27.98 1.26
N LEU C 125 10.51 29.29 1.46
CA LEU C 125 11.74 29.95 1.01
C LEU C 125 12.95 29.33 1.69
N LYS C 126 12.80 29.02 2.97
CA LYS C 126 13.86 28.39 3.74
C LYS C 126 14.27 27.06 3.15
N SER C 127 13.35 26.44 2.41
CA SER C 127 13.60 25.13 1.80
C SER C 127 14.29 25.30 0.45
N GLY C 128 14.27 26.51 -0.09
CA GLY C 128 15.00 26.78 -1.32
C GLY C 128 14.15 27.05 -2.55
N THR C 129 12.84 26.80 -2.44
CA THR C 129 11.93 27.08 -3.55
C THR C 129 10.89 28.14 -3.20
N ALA C 130 10.34 28.77 -4.23
CA ALA C 130 9.28 29.76 -4.02
C ALA C 130 8.10 29.50 -4.96
N SER C 131 6.92 29.31 -4.39
CA SER C 131 5.71 29.15 -5.17
C SER C 131 4.74 30.27 -4.85
N VAL C 132 4.26 30.94 -5.88
CA VAL C 132 3.29 32.01 -5.74
C VAL C 132 1.96 31.50 -6.24
N VAL C 133 0.94 31.54 -5.38
CA VAL C 133 -0.34 31.00 -5.75
C VAL C 133 -1.36 32.08 -6.04
N CYS C 134 -1.93 32.05 -7.25
CA CYS C 134 -3.04 32.92 -7.62
C CYS C 134 -4.28 32.07 -7.53
N LEU C 135 -5.32 32.57 -6.88
CA LEU C 135 -6.55 31.84 -6.67
C LEU C 135 -7.73 32.57 -7.30
N LEU C 136 -8.50 31.85 -8.11
CA LEU C 136 -9.73 32.40 -8.68
C LEU C 136 -10.84 31.60 -8.05
N ASN C 137 -11.65 32.25 -7.22
CA ASN C 137 -12.58 31.50 -6.40
C ASN C 137 -14.06 31.71 -6.74
N ASN C 138 -14.76 30.59 -6.96
CA ASN C 138 -16.20 30.57 -7.13
C ASN C 138 -16.70 31.35 -8.34
N PHE C 139 -16.32 30.89 -9.53
CA PHE C 139 -16.72 31.57 -10.77
C PHE C 139 -17.44 30.63 -11.73
N TYR C 140 -18.11 31.21 -12.72
CA TYR C 140 -18.78 30.44 -13.77
C TYR C 140 -18.96 31.34 -15.00
N PRO C 141 -18.73 30.78 -16.20
CA PRO C 141 -18.37 29.38 -16.48
C PRO C 141 -16.90 29.07 -16.24
N ARG C 142 -16.50 27.86 -16.60
CA ARG C 142 -15.19 27.31 -16.28
C ARG C 142 -14.05 28.06 -16.95
N GLU C 143 -14.30 28.59 -18.15
CA GLU C 143 -13.25 29.24 -18.92
C GLU C 143 -12.73 30.48 -18.23
N ALA C 144 -11.42 30.53 -18.06
CA ALA C 144 -10.76 31.65 -17.40
C ALA C 144 -9.32 31.73 -17.88
N LYS C 145 -8.81 32.95 -17.94
CA LYS C 145 -7.43 33.21 -18.35
C LYS C 145 -6.62 33.78 -17.19
N VAL C 146 -5.45 33.20 -16.96
CA VAL C 146 -4.54 33.77 -15.98
C VAL C 146 -3.20 34.04 -16.64
N GLN C 147 -2.69 35.25 -16.41
CA GLN C 147 -1.36 35.62 -16.90
C GLN C 147 -0.51 36.13 -15.75
N TRP C 148 0.73 35.67 -15.68
CA TRP C 148 1.64 36.10 -14.64
C TRP C 148 2.58 37.20 -15.16
N LYS C 149 2.74 38.23 -14.35
CA LYS C 149 3.69 39.30 -14.64
C LYS C 149 4.65 39.47 -13.47
N VAL C 150 5.93 39.28 -13.74
CA VAL C 150 6.97 39.51 -12.74
C VAL C 150 7.78 40.74 -13.11
N ASP C 151 7.68 41.77 -12.28
CA ASP C 151 8.20 43.11 -12.60
C ASP C 151 7.65 43.52 -13.95
N ASN C 152 6.34 43.38 -14.11
CA ASN C 152 5.60 43.79 -15.30
C ASN C 152 5.90 42.96 -16.56
N ALA C 153 6.93 42.13 -16.51
CA ALA C 153 7.29 41.27 -17.63
C ALA C 153 6.48 39.98 -17.65
N LEU C 154 5.86 39.69 -18.79
CA LEU C 154 5.00 38.52 -18.96
C LEU C 154 5.79 37.20 -18.86
N GLN C 155 5.22 36.24 -18.13
CA GLN C 155 5.85 34.94 -17.90
C GLN C 155 5.25 33.84 -18.76
N SER C 156 6.09 32.89 -19.16
CA SER C 156 5.59 31.70 -19.84
C SER C 156 6.35 30.43 -19.42
N GLY C 157 5.63 29.34 -19.29
CA GLY C 157 6.22 28.03 -19.03
C GLY C 157 6.69 27.75 -17.62
N ASN C 158 6.37 28.64 -16.69
CA ASN C 158 6.77 28.43 -15.29
C ASN C 158 5.60 28.49 -14.31
N SER C 159 4.40 28.30 -14.84
CA SER C 159 3.21 28.26 -14.00
C SER C 159 2.37 27.06 -14.37
N GLN C 160 1.50 26.64 -13.47
CA GLN C 160 0.64 25.50 -13.73
C GLN C 160 -0.73 25.74 -13.11
N GLU C 161 -1.77 25.32 -13.81
CA GLU C 161 -3.13 25.55 -13.35
C GLU C 161 -3.81 24.27 -12.92
N SER C 162 -4.76 24.41 -12.01
CA SER C 162 -5.58 23.29 -11.58
C SER C 162 -6.98 23.81 -11.36
N VAL C 163 -7.97 22.99 -11.69
CA VAL C 163 -9.36 23.43 -11.59
C VAL C 163 -10.17 22.41 -10.81
N THR C 164 -10.95 22.87 -9.84
CA THR C 164 -11.78 21.96 -9.07
C THR C 164 -12.99 21.50 -9.87
N GLU C 165 -13.57 20.39 -9.46
CA GLU C 165 -14.84 19.95 -10.03
C GLU C 165 -15.91 20.97 -9.70
N GLN C 166 -17.04 20.88 -10.39
CA GLN C 166 -18.12 21.84 -10.16
C GLN C 166 -18.64 21.67 -8.74
N ASP C 167 -18.70 22.78 -8.01
CA ASP C 167 -19.15 22.77 -6.63
C ASP C 167 -20.58 22.23 -6.49
N SER C 168 -20.81 21.45 -5.44
CA SER C 168 -22.11 20.80 -5.25
C SER C 168 -23.17 21.75 -4.70
N LYS C 169 -22.75 22.75 -3.93
CA LYS C 169 -23.69 23.68 -3.32
C LYS C 169 -24.10 24.80 -4.29
N ASP C 170 -23.12 25.36 -4.99
CA ASP C 170 -23.37 26.54 -5.83
C ASP C 170 -22.97 26.40 -7.30
N SER C 171 -22.53 25.22 -7.69
CA SER C 171 -22.22 24.93 -9.10
C SER C 171 -21.15 25.83 -9.71
N THR C 172 -20.22 26.32 -8.88
CA THR C 172 -19.14 27.15 -9.41
C THR C 172 -17.86 26.37 -9.53
N TYR C 173 -16.89 26.99 -10.20
CA TYR C 173 -15.57 26.43 -10.32
C TYR C 173 -14.59 27.30 -9.57
N SER C 174 -13.50 26.70 -9.10
CA SER C 174 -12.37 27.46 -8.58
C SER C 174 -11.12 27.02 -9.30
N LEU C 175 -10.14 27.91 -9.37
CA LEU C 175 -8.92 27.61 -10.11
C LEU C 175 -7.70 28.10 -9.35
N SER C 176 -6.60 27.35 -9.45
CA SER C 176 -5.35 27.79 -8.85
C SER C 176 -4.33 27.95 -9.95
N SER C 177 -3.57 29.05 -9.90
CA SER C 177 -2.46 29.23 -10.81
C SER C 177 -1.21 29.39 -9.98
N THR C 178 -0.27 28.47 -10.15
CA THR C 178 0.91 28.43 -9.33
C THR C 178 2.18 28.70 -10.13
N LEU C 179 2.85 29.79 -9.79
CA LEU C 179 4.12 30.14 -10.40
C LEU C 179 5.23 29.57 -9.54
N THR C 180 6.05 28.71 -10.12
CA THR C 180 7.11 28.06 -9.35
C THR C 180 8.50 28.55 -9.74
N LEU C 181 9.16 29.23 -8.81
CA LEU C 181 10.50 29.74 -9.04
C LEU C 181 11.44 29.21 -7.98
N SER C 182 12.72 29.16 -8.30
CA SER C 182 13.72 28.88 -7.27
C SER C 182 13.75 30.11 -6.36
N LYS C 183 14.18 29.92 -5.11
CA LYS C 183 14.37 31.04 -4.18
C LYS C 183 15.21 32.14 -4.84
N ALA C 184 16.28 31.74 -5.50
CA ALA C 184 17.19 32.68 -6.15
C ALA C 184 16.49 33.52 -7.21
N ASP C 185 15.75 32.89 -8.10
CA ASP C 185 14.99 33.61 -9.13
C ASP C 185 14.02 34.58 -8.48
N TYR C 186 13.31 34.08 -7.48
CA TYR C 186 12.32 34.87 -6.75
C TYR C 186 12.94 36.11 -6.14
N GLU C 187 14.19 35.98 -5.69
CA GLU C 187 14.86 37.10 -5.05
C GLU C 187 15.45 38.13 -6.03
N LYS C 188 15.36 37.85 -7.33
CA LYS C 188 15.87 38.77 -8.33
C LYS C 188 14.81 39.74 -8.85
N HIS C 189 13.61 39.69 -8.26
CA HIS C 189 12.53 40.55 -8.72
C HIS C 189 11.70 41.09 -7.56
N LYS C 190 11.03 42.20 -7.79
CA LYS C 190 10.31 42.87 -6.71
C LYS C 190 8.79 42.69 -6.80
N VAL C 191 8.22 42.97 -7.98
CA VAL C 191 6.77 43.00 -8.12
C VAL C 191 6.20 41.75 -8.80
N TYR C 192 5.27 41.09 -8.10
CA TYR C 192 4.62 39.88 -8.59
C TYR C 192 3.12 40.07 -8.76
N ALA C 193 2.61 39.75 -9.94
CA ALA C 193 1.20 39.95 -10.23
C ALA C 193 0.61 38.89 -11.14
N CYS C 194 -0.66 38.57 -10.89
CA CYS C 194 -1.41 37.71 -11.79
C CYS C 194 -2.61 38.46 -12.37
N GLU C 195 -2.81 38.32 -13.67
CA GLU C 195 -3.89 39.02 -14.35
C GLU C 195 -4.97 38.03 -14.76
N VAL C 196 -6.21 38.35 -14.40
CA VAL C 196 -7.33 37.44 -14.67
C VAL C 196 -8.33 38.02 -15.68
N THR C 197 -8.76 37.17 -16.61
CA THR C 197 -9.76 37.50 -17.60
C THR C 197 -10.91 36.49 -17.50
N HIS C 198 -12.14 36.98 -17.49
CA HIS C 198 -13.30 36.10 -17.37
C HIS C 198 -14.56 36.78 -17.85
N GLN C 199 -15.50 35.98 -18.34
CA GLN C 199 -16.79 36.46 -18.84
C GLN C 199 -17.49 37.45 -17.90
N GLY C 200 -17.45 37.12 -16.61
CA GLY C 200 -18.11 37.93 -15.59
C GLY C 200 -17.39 39.21 -15.25
N LEU C 201 -16.23 39.42 -15.85
CA LEU C 201 -15.42 40.60 -15.58
C LEU C 201 -15.48 41.64 -16.71
N SER C 202 -15.97 42.84 -16.36
CA SER C 202 -16.02 43.96 -17.29
C SER C 202 -14.62 44.36 -17.75
N SER C 203 -13.65 44.07 -16.91
CA SER C 203 -12.27 44.49 -17.13
C SER C 203 -11.34 43.44 -16.54
N PRO C 204 -10.12 43.32 -17.10
CA PRO C 204 -9.15 42.38 -16.52
C PRO C 204 -8.85 42.75 -15.06
N VAL C 205 -8.78 41.75 -14.20
CA VAL C 205 -8.50 41.98 -12.79
C VAL C 205 -7.08 41.53 -12.47
N THR C 206 -6.32 42.42 -11.82
CA THR C 206 -4.93 42.15 -11.47
C THR C 206 -4.72 42.19 -9.97
N LYS C 207 -4.13 41.12 -9.43
CA LYS C 207 -3.76 41.06 -8.01
C LYS C 207 -2.24 40.98 -7.89
N SER C 208 -1.67 41.78 -7.00
CA SER C 208 -0.24 41.92 -6.92
C SER C 208 0.31 42.06 -5.50
N PHE C 209 1.63 41.93 -5.39
CA PHE C 209 2.32 42.20 -4.14
C PHE C 209 3.80 42.51 -4.40
N ASN C 210 4.44 43.08 -3.38
CA ASN C 210 5.84 43.41 -3.46
C ASN C 210 6.61 42.64 -2.40
N ARG C 211 7.72 42.02 -2.80
CA ARG C 211 8.54 41.26 -1.85
C ARG C 211 9.05 42.07 -0.66
N GLY C 212 9.29 43.36 -0.89
CA GLY C 212 9.89 44.21 0.12
C GLY C 212 8.94 44.55 1.26
N GLU C 213 7.68 44.16 1.12
CA GLU C 213 6.66 44.48 2.13
C GLU C 213 5.41 43.64 1.94
N ILE D 2 -23.93 -16.36 -2.83
CA ILE D 2 -24.26 -14.96 -2.55
C ILE D 2 -24.57 -14.19 -3.83
N SER D 3 -25.66 -13.43 -3.79
CA SER D 3 -26.21 -12.79 -4.99
C SER D 3 -25.32 -11.76 -5.68
N GLU D 4 -25.12 -10.62 -5.02
CA GLU D 4 -24.55 -9.45 -5.67
C GLU D 4 -23.10 -9.62 -6.12
N VAL D 5 -22.86 -9.20 -7.36
CA VAL D 5 -21.57 -9.32 -7.99
C VAL D 5 -20.51 -8.46 -7.32
N GLN D 6 -19.32 -9.02 -7.15
CA GLN D 6 -18.21 -8.30 -6.57
C GLN D 6 -16.93 -8.64 -7.33
N LEU D 7 -16.18 -7.60 -7.70
CA LEU D 7 -14.91 -7.78 -8.38
C LEU D 7 -13.77 -7.13 -7.59
N VAL D 8 -13.09 -7.91 -6.77
CA VAL D 8 -12.05 -7.40 -5.88
C VAL D 8 -10.68 -7.43 -6.52
N GLU D 9 -10.05 -6.27 -6.63
CA GLU D 9 -8.76 -6.15 -7.29
C GLU D 9 -7.63 -6.01 -6.30
N SER D 10 -6.43 -6.38 -6.74
CA SER D 10 -5.23 -6.22 -5.94
C SER D 10 -3.99 -6.38 -6.81
N GLY D 11 -2.83 -6.01 -6.30
CA GLY D 11 -1.59 -6.14 -7.05
C GLY D 11 -1.12 -4.86 -7.68
N GLY D 12 -1.87 -3.78 -7.47
CA GLY D 12 -1.49 -2.47 -7.99
C GLY D 12 -0.33 -1.85 -7.23
N GLY D 13 -0.17 -0.53 -7.35
CA GLY D 13 0.83 0.18 -6.57
C GLY D 13 1.97 0.77 -7.38
N LEU D 14 3.07 1.03 -6.68
CA LEU D 14 4.27 1.62 -7.27
C LEU D 14 5.07 0.64 -8.11
N VAL D 15 5.81 1.19 -9.07
CA VAL D 15 6.65 0.38 -9.94
C VAL D 15 7.50 1.34 -10.80
N GLN D 16 8.70 0.91 -11.16
CA GLN D 16 9.59 1.75 -11.98
C GLN D 16 9.47 1.40 -13.45
N PRO D 17 9.79 2.37 -14.34
CA PRO D 17 9.78 2.09 -15.79
C PRO D 17 10.64 0.88 -16.11
N GLY D 18 10.09 -0.03 -16.92
CA GLY D 18 10.78 -1.27 -17.23
C GLY D 18 10.38 -2.37 -16.26
N GLY D 19 9.90 -1.95 -15.09
CA GLY D 19 9.49 -2.87 -14.05
C GLY D 19 8.25 -3.68 -14.40
N SER D 20 7.83 -4.51 -13.46
CA SER D 20 6.73 -5.42 -13.71
C SER D 20 5.74 -5.46 -12.55
N LEU D 21 4.48 -5.74 -12.85
CA LEU D 21 3.43 -5.92 -11.84
C LEU D 21 2.42 -6.95 -12.32
N ARG D 22 1.73 -7.58 -11.38
CA ARG D 22 0.65 -8.49 -11.72
C ARG D 22 -0.62 -8.14 -10.97
N LEU D 23 -1.63 -7.70 -11.71
CA LEU D 23 -2.93 -7.36 -11.14
C LEU D 23 -3.78 -8.60 -11.00
N SER D 24 -4.51 -8.68 -9.89
CA SER D 24 -5.41 -9.79 -9.62
C SER D 24 -6.83 -9.31 -9.37
N CYS D 25 -7.79 -10.00 -9.96
CA CYS D 25 -9.20 -9.70 -9.75
C CYS D 25 -9.91 -10.97 -9.30
N VAL D 26 -10.37 -11.00 -8.05
CA VAL D 26 -11.11 -12.16 -7.53
C VAL D 26 -12.60 -11.88 -7.54
N THR D 27 -13.36 -12.71 -8.23
CA THR D 27 -14.77 -12.45 -8.48
C THR D 27 -15.69 -13.31 -7.64
N SER D 28 -16.85 -12.75 -7.31
CA SER D 28 -17.89 -13.49 -6.60
C SER D 28 -19.28 -13.04 -7.04
N GLY D 29 -20.26 -13.92 -6.86
CA GLY D 29 -21.64 -13.58 -7.13
C GLY D 29 -22.16 -14.15 -8.43
N PHE D 30 -21.29 -14.87 -9.15
CA PHE D 30 -21.66 -15.43 -10.44
C PHE D 30 -20.68 -16.52 -10.84
N THR D 31 -21.12 -17.43 -11.70
CA THR D 31 -20.23 -18.46 -12.22
C THR D 31 -19.16 -17.79 -13.06
N PHE D 32 -17.94 -17.73 -12.54
CA PHE D 32 -16.83 -17.03 -13.18
C PHE D 32 -16.58 -17.45 -14.61
N ARG D 33 -16.44 -18.76 -14.83
CA ARG D 33 -16.11 -19.28 -16.17
C ARG D 33 -17.14 -18.94 -17.25
N LYS D 34 -18.36 -18.64 -16.84
CA LYS D 34 -19.44 -18.41 -17.81
C LYS D 34 -19.35 -17.07 -18.52
N PHE D 35 -18.34 -16.27 -18.21
CA PHE D 35 -18.29 -14.91 -18.74
C PHE D 35 -16.93 -14.48 -19.29
N GLY D 36 -16.96 -13.57 -20.25
CA GLY D 36 -15.75 -12.94 -20.72
C GLY D 36 -15.36 -11.83 -19.76
N MET D 37 -14.06 -11.58 -19.65
CA MET D 37 -13.54 -10.60 -18.72
C MET D 37 -12.62 -9.63 -19.45
N SER D 38 -12.49 -8.43 -18.89
CA SER D 38 -11.61 -7.42 -19.50
C SER D 38 -10.96 -6.54 -18.46
N TRP D 39 -9.86 -5.91 -18.85
CA TRP D 39 -9.23 -4.90 -18.03
C TRP D 39 -9.37 -3.57 -18.74
N VAL D 40 -9.76 -2.53 -18.00
CA VAL D 40 -9.87 -1.18 -18.55
C VAL D 40 -9.16 -0.22 -17.62
N ARG D 41 -8.42 0.72 -18.18
CA ARG D 41 -7.71 1.69 -17.35
C ARG D 41 -8.17 3.12 -17.65
N GLN D 42 -7.85 4.00 -16.72
CA GLN D 42 -8.17 5.42 -16.85
C GLN D 42 -7.05 6.24 -16.23
N ALA D 43 -6.19 6.79 -17.07
CA ALA D 43 -5.15 7.71 -16.65
C ALA D 43 -5.79 8.89 -15.93
N PRO D 44 -5.05 9.51 -14.99
CA PRO D 44 -5.59 10.65 -14.22
C PRO D 44 -6.11 11.77 -15.12
N GLY D 45 -7.33 12.22 -14.87
CA GLY D 45 -7.91 13.30 -15.64
C GLY D 45 -8.28 12.90 -17.06
N LYS D 46 -8.09 11.63 -17.39
CA LYS D 46 -8.41 11.17 -18.73
C LYS D 46 -9.63 10.26 -18.74
N GLY D 47 -9.90 9.67 -19.89
CA GLY D 47 -11.08 8.85 -20.06
C GLY D 47 -10.77 7.37 -20.06
N LEU D 48 -11.79 6.56 -20.35
CA LEU D 48 -11.67 5.12 -20.34
C LEU D 48 -10.88 4.61 -21.53
N GLU D 49 -10.00 3.64 -21.27
CA GLU D 49 -9.21 3.03 -22.32
C GLU D 49 -9.18 1.52 -22.11
N TRP D 50 -9.60 0.78 -23.13
CA TRP D 50 -9.58 -0.66 -23.06
C TRP D 50 -8.14 -1.18 -23.10
N VAL D 51 -7.83 -2.14 -22.22
CA VAL D 51 -6.48 -2.71 -22.18
C VAL D 51 -6.45 -4.08 -22.84
N ALA D 52 -7.34 -4.98 -22.42
CA ALA D 52 -7.32 -6.36 -22.90
C ALA D 52 -8.56 -7.13 -22.47
N SER D 53 -8.91 -8.16 -23.24
CA SER D 53 -10.04 -9.01 -22.90
C SER D 53 -9.68 -10.50 -23.01
N ILE D 54 -10.46 -11.34 -22.37
CA ILE D 54 -10.25 -12.79 -22.44
C ILE D 54 -11.58 -13.53 -22.52
N VAL D 55 -11.65 -14.52 -23.40
CA VAL D 55 -12.88 -15.29 -23.59
C VAL D 55 -13.23 -16.10 -22.35
N THR D 56 -14.41 -16.70 -22.36
CA THR D 56 -14.89 -17.55 -21.29
C THR D 56 -13.93 -18.68 -20.90
N GLY D 57 -13.49 -19.45 -21.89
CA GLY D 57 -12.60 -20.56 -21.65
C GLY D 57 -11.15 -20.21 -21.37
N GLY D 58 -10.69 -19.11 -21.95
CA GLY D 58 -9.31 -18.69 -21.77
C GLY D 58 -8.50 -18.96 -23.02
N ARG D 59 -9.11 -19.72 -23.94
CA ARG D 59 -8.50 -20.10 -25.21
C ARG D 59 -7.92 -18.91 -25.97
N LYS D 60 -8.72 -17.86 -26.15
CA LYS D 60 -8.32 -16.70 -26.93
C LYS D 60 -8.16 -15.46 -26.07
N THR D 61 -7.20 -14.60 -26.43
CA THR D 61 -6.99 -13.35 -25.73
C THR D 61 -6.85 -12.21 -26.73
N TYR D 62 -7.17 -11.00 -26.30
CA TYR D 62 -7.10 -9.84 -27.17
C TYR D 62 -6.55 -8.64 -26.40
N TYR D 63 -5.66 -7.89 -27.03
CA TYR D 63 -5.01 -6.76 -26.37
C TYR D 63 -5.14 -5.48 -27.18
N SER D 64 -5.04 -4.34 -26.51
CA SER D 64 -4.97 -3.06 -27.19
C SER D 64 -3.57 -2.95 -27.80
N ASP D 65 -3.43 -2.10 -28.80
CA ASP D 65 -2.13 -1.95 -29.46
C ASP D 65 -1.09 -1.34 -28.52
N SER D 66 -1.56 -0.54 -27.56
CA SER D 66 -0.68 0.14 -26.62
C SER D 66 0.10 -0.81 -25.71
N VAL D 67 -0.48 -1.98 -25.46
CA VAL D 67 0.09 -2.90 -24.48
C VAL D 67 0.40 -4.27 -25.06
N LYS D 68 0.00 -4.48 -26.31
CA LYS D 68 0.20 -5.77 -26.95
C LYS D 68 1.67 -6.15 -26.95
N GLY D 69 1.97 -7.32 -26.43
CA GLY D 69 3.35 -7.78 -26.33
C GLY D 69 3.99 -7.50 -24.99
N ARG D 70 3.39 -6.58 -24.22
CA ARG D 70 3.93 -6.24 -22.90
C ARG D 70 3.04 -6.78 -21.79
N PHE D 71 1.75 -6.90 -22.08
CA PHE D 71 0.78 -7.31 -21.06
C PHE D 71 0.26 -8.70 -21.35
N THR D 72 -0.07 -9.44 -20.30
CA THR D 72 -0.67 -10.76 -20.44
C THR D 72 -1.91 -10.89 -19.57
N ILE D 73 -3.06 -11.08 -20.21
CA ILE D 73 -4.30 -11.34 -19.50
C ILE D 73 -4.50 -12.85 -19.41
N SER D 74 -5.05 -13.30 -18.30
CA SER D 74 -5.22 -14.74 -18.06
C SER D 74 -6.19 -14.98 -16.92
N ARG D 75 -6.80 -16.15 -16.89
CA ARG D 75 -7.79 -16.44 -15.87
C ARG D 75 -7.62 -17.85 -15.33
N ASP D 76 -7.92 -18.00 -14.04
CA ASP D 76 -7.96 -19.31 -13.40
C ASP D 76 -9.38 -19.57 -12.96
N ASN D 77 -10.09 -20.41 -13.70
CA ASN D 77 -11.50 -20.63 -13.42
C ASN D 77 -11.76 -21.30 -12.08
N SER D 78 -10.83 -22.11 -11.62
CA SER D 78 -11.00 -22.82 -10.35
C SER D 78 -10.87 -21.91 -9.13
N LYS D 79 -10.22 -20.75 -9.30
CA LYS D 79 -10.09 -19.79 -8.21
C LYS D 79 -10.92 -18.53 -8.40
N ASN D 80 -11.71 -18.48 -9.48
CA ASN D 80 -12.50 -17.30 -9.82
C ASN D 80 -11.66 -16.05 -9.92
N THR D 81 -10.49 -16.16 -10.54
CA THR D 81 -9.53 -15.07 -10.52
C THR D 81 -9.09 -14.64 -11.92
N LEU D 82 -9.07 -13.32 -12.13
CA LEU D 82 -8.56 -12.74 -13.38
C LEU D 82 -7.19 -12.12 -13.12
N TYR D 83 -6.26 -12.34 -14.04
CA TYR D 83 -4.91 -11.80 -13.88
C TYR D 83 -4.54 -10.85 -15.02
N LEU D 84 -3.74 -9.84 -14.69
CA LEU D 84 -3.12 -9.00 -15.70
C LEU D 84 -1.64 -8.90 -15.38
N GLN D 85 -0.83 -9.60 -16.17
CA GLN D 85 0.61 -9.55 -16.03
C GLN D 85 1.12 -8.37 -16.85
N MET D 86 1.73 -7.40 -16.18
CA MET D 86 2.20 -6.18 -16.84
C MET D 86 3.71 -6.08 -16.83
N ASN D 87 4.35 -6.33 -17.97
CA ASN D 87 5.79 -6.19 -18.08
C ASN D 87 6.17 -4.94 -18.87
N SER D 88 7.43 -4.55 -18.76
CA SER D 88 7.95 -3.39 -19.49
C SER D 88 7.09 -2.15 -19.31
N LEU D 89 6.77 -1.84 -18.06
CA LEU D 89 5.88 -0.73 -17.78
C LEU D 89 6.48 0.61 -18.17
N ARG D 90 5.63 1.49 -18.71
CA ARG D 90 6.07 2.81 -19.11
C ARG D 90 5.33 3.84 -18.27
N ALA D 91 5.84 5.07 -18.25
CA ALA D 91 5.22 6.16 -17.52
C ALA D 91 3.76 6.35 -17.95
N GLU D 92 3.51 6.16 -19.24
CA GLU D 92 2.15 6.32 -19.77
C GLU D 92 1.21 5.15 -19.46
N ASP D 93 1.71 4.13 -18.78
CA ASP D 93 0.86 3.04 -18.33
C ASP D 93 0.23 3.39 -16.98
N THR D 94 0.65 4.52 -16.40
CA THR D 94 0.10 4.99 -15.15
C THR D 94 -1.39 5.28 -15.30
N ALA D 95 -2.19 4.64 -14.46
CA ALA D 95 -3.63 4.75 -14.51
C ALA D 95 -4.28 3.97 -13.39
N VAL D 96 -5.56 4.24 -13.15
CA VAL D 96 -6.39 3.40 -12.33
C VAL D 96 -6.83 2.25 -13.23
N TYR D 97 -6.50 1.02 -12.83
CA TYR D 97 -6.90 -0.14 -13.60
C TYR D 97 -8.18 -0.82 -13.07
N TYR D 98 -9.10 -1.12 -13.99
CA TYR D 98 -10.37 -1.76 -13.63
C TYR D 98 -10.46 -3.18 -14.18
N CYS D 99 -10.91 -4.10 -13.35
CA CYS D 99 -11.32 -5.43 -13.79
CA CYS D 99 -11.29 -5.41 -13.86
C CYS D 99 -12.79 -5.40 -14.14
N THR D 100 -13.18 -5.97 -15.28
CA THR D 100 -14.58 -5.93 -15.72
C THR D 100 -15.12 -7.28 -16.19
N ARG D 101 -16.44 -7.45 -16.06
CA ARG D 101 -17.11 -8.65 -16.53
C ARG D 101 -18.04 -8.31 -17.70
N GLY D 102 -18.08 -9.17 -18.71
CA GLY D 102 -19.04 -9.02 -19.79
C GLY D 102 -20.44 -9.32 -19.29
N TYR D 103 -21.43 -8.57 -19.78
CA TYR D 103 -22.81 -8.76 -19.30
C TYR D 103 -23.43 -10.01 -19.91
N SER D 104 -22.90 -10.42 -21.05
CA SER D 104 -23.33 -11.65 -21.69
C SER D 104 -22.13 -12.58 -21.84
N SER D 105 -22.40 -13.81 -22.24
CA SER D 105 -21.35 -14.82 -22.35
C SER D 105 -20.64 -14.74 -23.69
N THR D 106 -21.18 -13.91 -24.58
CA THR D 106 -20.65 -13.80 -25.95
C THR D 106 -20.28 -12.37 -26.33
N SER D 107 -20.40 -11.45 -25.38
CA SER D 107 -20.06 -10.05 -25.64
C SER D 107 -19.09 -9.55 -24.59
N TYR D 108 -18.29 -8.56 -24.96
CA TYR D 108 -17.34 -7.99 -24.00
C TYR D 108 -17.74 -6.65 -23.42
N ALA D 109 -18.93 -6.17 -23.77
CA ALA D 109 -19.46 -4.96 -23.16
C ALA D 109 -19.50 -5.17 -21.65
N MET D 110 -18.91 -4.25 -20.90
CA MET D 110 -18.75 -4.44 -19.46
C MET D 110 -19.97 -3.95 -18.71
N ASP D 111 -20.44 -4.76 -17.76
CA ASP D 111 -21.52 -4.31 -16.89
C ASP D 111 -21.04 -4.14 -15.45
N TYR D 112 -20.25 -5.08 -14.95
CA TYR D 112 -19.77 -4.99 -13.57
C TYR D 112 -18.31 -4.56 -13.54
N TRP D 113 -18.00 -3.58 -12.68
CA TRP D 113 -16.66 -3.01 -12.58
C TRP D 113 -16.08 -3.17 -11.18
N GLY D 114 -14.79 -3.50 -11.11
CA GLY D 114 -14.10 -3.51 -9.84
C GLY D 114 -13.95 -2.10 -9.29
N GLN D 115 -13.55 -1.99 -8.03
CA GLN D 115 -13.32 -0.68 -7.41
C GLN D 115 -12.26 0.11 -8.16
N GLY D 116 -11.34 -0.59 -8.81
CA GLY D 116 -10.26 0.03 -9.52
C GLY D 116 -9.05 0.21 -8.63
N THR D 117 -7.86 -0.08 -9.15
CA THR D 117 -6.62 0.06 -8.39
C THR D 117 -5.60 0.93 -9.14
N LEU D 118 -4.97 1.86 -8.42
CA LEU D 118 -3.99 2.77 -9.02
C LEU D 118 -2.64 2.10 -9.27
N VAL D 119 -2.14 2.28 -10.49
CA VAL D 119 -0.81 1.80 -10.85
C VAL D 119 0.05 2.99 -11.26
N THR D 120 1.09 3.26 -10.49
CA THR D 120 1.96 4.39 -10.81
C THR D 120 3.34 3.94 -11.29
N VAL D 121 3.65 4.27 -12.54
CA VAL D 121 4.94 3.94 -13.13
C VAL D 121 5.83 5.17 -13.14
N SER D 122 6.89 5.15 -12.37
CA SER D 122 7.75 6.32 -12.19
C SER D 122 9.10 5.96 -11.57
N SER D 123 10.08 6.83 -11.76
CA SER D 123 11.40 6.61 -11.17
C SER D 123 11.48 7.24 -9.78
N ALA D 124 10.51 8.08 -9.47
CA ALA D 124 10.46 8.78 -8.20
C ALA D 124 10.33 7.82 -7.03
N SER D 125 10.89 8.20 -5.90
CA SER D 125 10.78 7.44 -4.66
C SER D 125 9.61 8.00 -3.88
N THR D 126 9.01 7.15 -3.04
CA THR D 126 7.93 7.59 -2.18
C THR D 126 8.39 8.75 -1.29
N LYS D 127 7.62 9.82 -1.28
CA LYS D 127 7.97 10.99 -0.48
C LYS D 127 6.72 11.67 0.06
N GLY D 128 6.75 11.98 1.36
CA GLY D 128 5.67 12.71 1.97
C GLY D 128 5.73 14.16 1.54
N PRO D 129 4.58 14.85 1.57
CA PRO D 129 4.54 16.24 1.11
C PRO D 129 5.08 17.24 2.12
N SER D 130 5.73 18.29 1.64
CA SER D 130 6.02 19.44 2.45
C SER D 130 4.78 20.34 2.43
N VAL D 131 4.31 20.74 3.60
CA VAL D 131 3.10 21.55 3.67
C VAL D 131 3.40 22.99 4.08
N PHE D 132 3.10 23.93 3.19
CA PHE D 132 3.36 25.34 3.45
C PHE D 132 2.05 26.11 3.57
N PRO D 133 2.00 27.06 4.51
CA PRO D 133 0.78 27.85 4.70
C PRO D 133 0.54 28.90 3.60
N LEU D 134 -0.72 29.05 3.21
CA LEU D 134 -1.12 30.18 2.38
C LEU D 134 -1.84 31.16 3.29
N ALA D 135 -1.04 32.02 3.92
CA ALA D 135 -1.55 32.91 4.96
C ALA D 135 -2.54 33.92 4.42
N PRO D 136 -3.62 34.16 5.17
CA PRO D 136 -4.59 35.17 4.80
C PRO D 136 -4.05 36.56 5.07
N SER D 137 -4.42 37.52 4.24
CA SER D 137 -4.03 38.92 4.42
C SER D 137 -5.00 39.79 3.65
N SER D 138 -4.61 41.04 3.40
CA SER D 138 -5.45 41.94 2.62
C SER D 138 -5.42 41.57 1.13
N LYS D 139 -4.34 40.90 0.72
CA LYS D 139 -4.21 40.41 -0.65
C LYS D 139 -5.00 39.12 -0.86
N SER D 140 -5.68 38.67 0.18
CA SER D 140 -6.57 37.52 0.10
C SER D 140 -7.88 37.73 0.85
N THR D 141 -8.26 38.99 1.03
CA THR D 141 -9.49 39.34 1.72
C THR D 141 -10.43 40.05 0.76
N SER D 142 -11.73 39.82 0.92
CA SER D 142 -12.74 40.47 0.08
C SER D 142 -14.04 40.74 0.84
N GLY D 143 -14.08 41.87 1.54
CA GLY D 143 -15.30 42.34 2.18
C GLY D 143 -15.85 41.39 3.23
N GLY D 144 -15.07 41.19 4.28
CA GLY D 144 -15.49 40.32 5.37
C GLY D 144 -15.22 38.86 5.10
N THR D 145 -14.72 38.54 3.91
CA THR D 145 -14.32 37.16 3.59
C THR D 145 -12.83 37.10 3.31
N ALA D 146 -12.13 36.24 4.03
CA ALA D 146 -10.71 36.04 3.77
C ALA D 146 -10.49 34.65 3.22
N ALA D 147 -9.45 34.51 2.41
CA ALA D 147 -9.08 33.22 1.88
C ALA D 147 -7.76 32.79 2.51
N LEU D 148 -7.63 31.50 2.75
CA LEU D 148 -6.39 30.95 3.28
C LEU D 148 -6.27 29.52 2.86
N GLY D 149 -5.07 28.96 2.98
CA GLY D 149 -4.91 27.56 2.67
C GLY D 149 -3.55 26.99 2.98
N CYS D 150 -3.32 25.78 2.48
CA CYS D 150 -2.03 25.11 2.58
CA CYS D 150 -2.00 25.20 2.56
C CYS D 150 -1.55 24.66 1.21
N LEU D 151 -0.26 24.80 0.96
CA LEU D 151 0.35 24.27 -0.23
C LEU D 151 0.93 22.91 0.13
N VAL D 152 0.38 21.87 -0.48
CA VAL D 152 0.84 20.50 -0.26
C VAL D 152 1.75 20.13 -1.44
N LYS D 153 3.04 20.39 -1.25
CA LYS D 153 4.00 20.36 -2.34
C LYS D 153 4.97 19.16 -2.29
N ASP D 154 5.29 18.63 -3.48
CA ASP D 154 6.37 17.66 -3.66
C ASP D 154 6.18 16.35 -2.92
N TYR D 155 5.08 15.66 -3.19
CA TYR D 155 4.86 14.33 -2.64
C TYR D 155 4.75 13.31 -3.75
N PHE D 156 4.89 12.04 -3.38
CA PHE D 156 4.78 10.95 -4.33
C PHE D 156 4.55 9.62 -3.63
N PRO D 157 3.57 8.85 -4.11
CA PRO D 157 2.70 9.19 -5.24
C PRO D 157 1.37 9.73 -4.75
N GLU D 158 0.37 9.70 -5.63
CA GLU D 158 -1.01 10.01 -5.24
C GLU D 158 -1.53 8.84 -4.41
N PRO D 159 -2.50 9.11 -3.53
CA PRO D 159 -3.11 10.42 -3.28
C PRO D 159 -2.72 11.02 -1.93
N VAL D 160 -3.12 12.27 -1.71
CA VAL D 160 -3.09 12.85 -0.37
C VAL D 160 -4.52 13.13 0.00
N THR D 161 -4.80 13.18 1.30
CA THR D 161 -6.11 13.61 1.77
C THR D 161 -5.93 14.89 2.58
N VAL D 162 -6.77 15.88 2.32
CA VAL D 162 -6.69 17.13 3.05
C VAL D 162 -8.03 17.45 3.68
N SER D 163 -8.00 17.75 4.97
CA SER D 163 -9.19 18.21 5.66
C SER D 163 -8.80 19.42 6.51
N TRP D 164 -9.81 20.18 6.92
CA TRP D 164 -9.57 21.39 7.70
C TRP D 164 -10.21 21.26 9.07
N ASN D 165 -9.43 21.59 10.09
CA ASN D 165 -9.87 21.44 11.47
C ASN D 165 -10.47 20.05 11.72
N SER D 166 -9.70 19.04 11.37
CA SER D 166 -10.05 17.64 11.63
C SER D 166 -11.39 17.22 11.03
N GLY D 167 -11.84 17.95 10.02
CA GLY D 167 -13.08 17.61 9.34
C GLY D 167 -14.26 18.43 9.77
N ALA D 168 -14.06 19.32 10.74
CA ALA D 168 -15.11 20.19 11.23
C ALA D 168 -15.41 21.34 10.29
N LEU D 169 -14.42 21.72 9.48
CA LEU D 169 -14.59 22.83 8.56
C LEU D 169 -14.66 22.29 7.15
N THR D 170 -15.84 22.38 6.55
CA THR D 170 -16.08 21.86 5.21
C THR D 170 -16.62 22.94 4.28
N SER D 171 -17.43 23.83 4.84
CA SER D 171 -18.05 24.87 4.03
C SER D 171 -16.99 25.86 3.54
N GLY D 172 -16.88 26.00 2.22
CA GLY D 172 -15.95 26.93 1.62
C GLY D 172 -14.61 26.34 1.25
N VAL D 173 -14.44 25.04 1.46
CA VAL D 173 -13.17 24.37 1.18
C VAL D 173 -13.07 23.93 -0.27
N HIS D 174 -11.93 24.22 -0.89
CA HIS D 174 -11.63 23.71 -2.22
C HIS D 174 -10.25 23.08 -2.20
N THR D 175 -10.19 21.80 -2.54
CA THR D 175 -8.92 21.11 -2.66
C THR D 175 -8.68 20.77 -4.12
N PHE D 176 -7.63 21.34 -4.68
CA PHE D 176 -7.40 21.23 -6.11
C PHE D 176 -6.81 19.88 -6.48
N PRO D 177 -7.19 19.37 -7.67
CA PRO D 177 -6.58 18.17 -8.23
C PRO D 177 -5.07 18.36 -8.29
N ALA D 178 -4.33 17.29 -8.04
CA ALA D 178 -2.88 17.35 -8.04
C ALA D 178 -2.36 17.62 -9.45
N VAL D 179 -1.14 18.14 -9.53
CA VAL D 179 -0.47 18.33 -10.79
C VAL D 179 0.87 17.64 -10.76
N LEU D 180 1.15 16.83 -11.78
CA LEU D 180 2.43 16.14 -11.88
C LEU D 180 3.47 17.16 -12.36
N GLN D 181 4.53 17.33 -11.58
CA GLN D 181 5.56 18.31 -11.90
C GLN D 181 6.74 17.67 -12.61
N SER D 182 7.55 18.48 -13.28
CA SER D 182 8.68 17.98 -14.06
C SER D 182 9.68 17.22 -13.19
N SER D 183 9.60 17.39 -11.88
CA SER D 183 10.45 16.66 -10.95
C SER D 183 9.95 15.23 -10.71
N GLY D 184 8.74 14.94 -11.18
CA GLY D 184 8.17 13.63 -10.97
C GLY D 184 7.34 13.59 -9.70
N LEU D 185 7.34 14.71 -8.98
CA LEU D 185 6.59 14.83 -7.75
C LEU D 185 5.29 15.62 -7.98
N TYR D 186 4.32 15.39 -7.11
CA TYR D 186 3.02 16.02 -7.23
C TYR D 186 2.90 17.24 -6.33
N SER D 187 2.01 18.17 -6.70
CA SER D 187 1.68 19.33 -5.86
C SER D 187 0.22 19.70 -6.02
N LEU D 188 -0.37 20.14 -4.92
CA LEU D 188 -1.70 20.73 -4.99
C LEU D 188 -1.84 21.78 -3.90
N SER D 189 -2.95 22.48 -3.91
CA SER D 189 -3.29 23.43 -2.86
C SER D 189 -4.69 23.14 -2.36
N SER D 190 -4.91 23.38 -1.08
CA SER D 190 -6.25 23.35 -0.52
C SER D 190 -6.53 24.72 0.08
N VAL D 191 -7.63 25.32 -0.32
CA VAL D 191 -7.99 26.65 0.16
C VAL D 191 -9.36 26.63 0.81
N VAL D 192 -9.61 27.63 1.64
CA VAL D 192 -10.90 27.77 2.27
C VAL D 192 -11.15 29.25 2.54
N THR D 193 -12.40 29.67 2.44
CA THR D 193 -12.78 31.04 2.74
C THR D 193 -13.51 31.11 4.06
N VAL D 194 -13.18 32.11 4.87
CA VAL D 194 -13.73 32.26 6.22
C VAL D 194 -14.07 33.74 6.47
N PRO D 195 -14.87 34.01 7.51
CA PRO D 195 -15.12 35.39 7.91
C PRO D 195 -13.84 36.09 8.36
N SER D 196 -13.64 37.32 7.91
CA SER D 196 -12.47 38.10 8.29
C SER D 196 -12.42 38.30 9.79
N SER D 197 -13.58 38.42 10.42
CA SER D 197 -13.69 38.65 11.86
C SER D 197 -13.14 37.48 12.65
N SER D 198 -13.06 36.31 12.03
CA SER D 198 -12.62 35.11 12.73
C SER D 198 -11.11 34.98 12.80
N LEU D 199 -10.40 35.74 11.97
CA LEU D 199 -8.94 35.62 11.89
C LEU D 199 -8.28 36.03 13.21
N GLY D 200 -7.38 35.19 13.70
CA GLY D 200 -6.71 35.47 14.97
C GLY D 200 -7.56 35.10 16.18
N THR D 201 -8.78 34.65 15.93
CA THR D 201 -9.67 34.22 17.00
C THR D 201 -9.90 32.72 16.84
N GLN D 202 -10.37 32.33 15.66
CA GLN D 202 -10.51 30.92 15.30
C GLN D 202 -9.19 30.41 14.78
N THR D 203 -8.84 29.18 15.14
CA THR D 203 -7.60 28.61 14.65
C THR D 203 -7.92 27.74 13.44
N TYR D 204 -7.07 27.83 12.42
CA TYR D 204 -7.27 27.09 11.18
C TYR D 204 -6.08 26.19 10.89
N ILE D 205 -6.34 24.89 10.91
CA ILE D 205 -5.30 23.89 10.73
C ILE D 205 -5.68 22.95 9.58
N CYS D 206 -4.79 22.78 8.60
CA CYS D 206 -5.06 21.80 7.57
C CYS D 206 -4.44 20.46 7.94
N ASN D 207 -5.23 19.39 7.78
CA ASN D 207 -4.77 18.06 8.10
C ASN D 207 -4.43 17.31 6.83
N VAL D 208 -3.14 17.06 6.63
CA VAL D 208 -2.68 16.40 5.42
C VAL D 208 -2.19 14.99 5.72
N ASN D 209 -2.88 14.02 5.14
CA ASN D 209 -2.48 12.62 5.28
C ASN D 209 -2.04 12.02 3.96
N HIS D 210 -0.86 11.41 3.97
CA HIS D 210 -0.33 10.74 2.79
C HIS D 210 0.06 9.33 3.17
N LYS D 211 -0.81 8.39 2.87
CA LYS D 211 -0.63 7.00 3.28
C LYS D 211 0.65 6.30 2.78
N PRO D 212 1.02 6.48 1.49
CA PRO D 212 2.21 5.76 1.00
C PRO D 212 3.49 6.04 1.78
N SER D 213 3.64 7.26 2.27
CA SER D 213 4.85 7.63 2.99
C SER D 213 4.60 7.57 4.49
N ASN D 214 3.39 7.16 4.87
CA ASN D 214 2.98 7.13 6.28
C ASN D 214 3.24 8.47 6.96
N THR D 215 2.87 9.56 6.30
CA THR D 215 3.08 10.88 6.86
C THR D 215 1.75 11.56 7.18
N LYS D 216 1.73 12.28 8.29
CA LYS D 216 0.59 13.09 8.68
C LYS D 216 1.11 14.47 9.07
N VAL D 217 0.49 15.51 8.55
CA VAL D 217 0.93 16.85 8.88
C VAL D 217 -0.27 17.69 9.26
N ASP D 218 -0.14 18.42 10.36
CA ASP D 218 -1.16 19.36 10.77
C ASP D 218 -0.51 20.73 10.81
N LYS D 219 -0.82 21.56 9.83
CA LYS D 219 -0.21 22.88 9.74
C LYS D 219 -1.20 23.96 10.14
N LYS D 220 -0.79 24.77 11.10
CA LYS D 220 -1.59 25.88 11.55
C LYS D 220 -1.40 27.04 10.57
N VAL D 221 -2.51 27.57 10.07
CA VAL D 221 -2.45 28.66 9.10
C VAL D 221 -2.93 29.97 9.74
N GLU D 222 -2.00 30.83 10.07
CA GLU D 222 -2.31 32.07 10.77
C GLU D 222 -1.95 33.29 9.93
N PRO D 223 -2.54 34.46 10.25
CA PRO D 223 -2.23 35.66 9.47
C PRO D 223 -0.75 36.01 9.55
N LYS D 224 -0.25 36.80 8.61
CA LYS D 224 1.15 37.17 8.64
C LYS D 224 1.38 38.23 9.72
N SER D 225 2.59 38.22 10.29
CA SER D 225 2.92 39.09 11.40
C SER D 225 2.73 40.56 11.09
N CYS D 226 2.91 40.94 9.83
CA CYS D 226 2.69 42.32 9.42
C CYS D 226 1.21 42.68 9.39
O1 PG4 E . 13.74 -19.39 18.91
C1 PG4 E . 13.09 -20.57 19.24
C2 PG4 E . 12.50 -20.45 20.60
O2 PG4 E . 11.48 -21.37 20.76
C3 PG4 E . 10.36 -21.29 19.97
C4 PG4 E . 9.20 -20.80 20.75
O3 PG4 E . 8.65 -19.69 20.14
C5 PG4 E . 8.46 -19.64 18.77
C6 PG4 E . 8.09 -18.25 18.38
O4 PG4 E . 8.10 -18.11 17.01
C7 PG4 E . 9.25 -17.71 16.36
C8 PG4 E . 8.98 -17.55 14.90
O5 PG4 E . 8.92 -18.80 14.28
O1 PG4 F . -6.55 6.83 -6.41
C1 PG4 F . -7.67 6.31 -7.04
C2 PG4 F . -8.21 5.18 -6.24
O2 PG4 F . -9.13 4.48 -6.99
C3 PG4 F . -10.48 4.77 -6.86
C4 PG4 F . -11.10 4.90 -8.22
O3 PG4 F . -10.95 6.19 -8.66
C5 PG4 F . -11.46 6.55 -9.89
C6 PG4 F . -10.90 7.89 -10.28
O4 PG4 F . -11.50 8.34 -11.44
C7 PG4 F . -12.63 9.14 -11.35
C8 PG4 F . -12.54 10.21 -12.37
O5 PG4 F . -13.79 10.74 -12.61
O1 PG4 G . -13.39 13.76 -15.28
C1 PG4 G . -12.44 12.91 -15.84
C2 PG4 G . -11.96 13.43 -17.15
O2 PG4 G . -12.86 13.14 -18.16
C3 PG4 G . -12.49 13.28 -19.47
C4 PG4 G . -13.70 13.17 -20.34
O3 PG4 G . -13.97 14.40 -20.90
C5 PG4 G . -14.76 15.31 -20.24
C6 PG4 G . -14.93 16.54 -21.06
O4 PG4 G . -14.19 17.58 -20.52
C7 PG4 G . -14.69 18.27 -19.45
C8 PG4 G . -13.75 19.38 -19.09
O5 PG4 G . -12.72 18.88 -18.33
O1 PG4 H . -1.83 5.63 -24.00
C1 PG4 H . -1.75 6.09 -22.70
C2 PG4 H . -2.35 7.45 -22.59
O2 PG4 H . -3.36 7.59 -23.52
C3 PG4 H . -4.56 8.17 -23.16
C4 PG4 H . -5.68 7.59 -23.95
O3 PG4 H . -6.80 7.48 -23.16
C5 PG4 H . -8.02 7.95 -23.61
C6 PG4 H . -8.47 9.08 -22.75
O4 PG4 H . -9.14 10.00 -23.53
C7 PG4 H . -10.12 10.81 -22.95
C8 PG4 H . -9.74 12.25 -23.09
O5 PG4 H . -9.09 12.66 -21.94
#